data_4B7M
#
_entry.id   4B7M
#
_cell.length_a   118.579
_cell.length_b   162.474
_cell.length_c   118.941
_cell.angle_alpha   90.00
_cell.angle_beta   90.00
_cell.angle_gamma   90.00
#
_symmetry.space_group_name_H-M   'C 2 2 21'
#
loop_
_entity.id
_entity.type
_entity.pdbx_description
1 polymer NEURAMINIDASE
2 branched 2-acetamido-2-deoxy-beta-D-glucopyranose-(1-4)-2-acetamido-2-deoxy-beta-D-glucopyranose
3 non-polymer 2-acetamido-2-deoxy-beta-D-glucopyranose
4 non-polymer 'PHOSPHATE ION'
5 non-polymer 'CALCIUM ION'
6 water water
#
_entity_poly.entity_id   1
_entity_poly.type   'polypeptide(L)'
_entity_poly.pdbx_seq_one_letter_code
;MNPNQKIITIGSVCMTIGMANLILQIGNIISIWISHSIQLGNQNQIETCNQSVITYENNTWVNQTYVNISNTNFAAGQSV
VSVKLAGNSSLCPVSGWAIYSKDNSIRIGSKGDVFVIREPFISCSPLECRTFFLTQGALLNDKHSNGTIKDRSPYRTLMS
CPIGEVPSPYNSRFESVAWSASACHDGINWLTIGISGPDNGAVAVLKYNGIITDTIKSWRNNRLRTQESECACVNGSCFT
VMTDGPSDGQASYKIFRIEKGKIVKSVEMNAPNYHYEECSCYPDSSEITCVCRDNWHGSNRPWVSFNQNLEYQIGYICSG
IFGDNPRPNDKTGSCGPVSSNGANGVKGFSFKYGNGVWIGRTKSISSRNGFEMIWDPNGWTGTDNDFSIKQDIVGINEWS
GYSGSFVQHPELTGLDCIRPCFWVELIRGRPKENTIWTSGSSISFCGVNSDTVGWSWPDGAELPFTIDK
;
_entity_poly.pdbx_strand_id   A,B
#
# COMPACT_ATOMS: atom_id res chain seq x y z
N VAL A 83 15.69 0.74 20.82
CA VAL A 83 15.65 2.11 21.41
C VAL A 83 15.65 3.18 20.31
N LYS A 84 15.03 4.32 20.58
CA LYS A 84 14.90 5.40 19.60
C LYS A 84 16.22 6.11 19.31
N LEU A 85 16.40 6.50 18.05
CA LEU A 85 17.62 7.16 17.63
C LEU A 85 17.78 8.54 18.25
N ALA A 86 18.94 8.76 18.85
CA ALA A 86 19.26 10.04 19.48
C ALA A 86 19.36 11.16 18.44
N GLY A 87 20.12 10.90 17.37
CA GLY A 87 20.32 11.86 16.28
C GLY A 87 21.04 13.15 16.68
N ASN A 88 21.84 13.13 17.74
CA ASN A 88 22.42 14.37 18.20
C ASN A 88 23.89 14.57 17.91
N SER A 89 24.52 13.59 17.30
CA SER A 89 25.92 13.73 16.91
C SER A 89 26.05 14.29 15.49
N SER A 90 27.21 14.84 15.19
CA SER A 90 27.45 15.45 13.87
C SER A 90 27.74 14.39 12.82
N LEU A 91 27.76 14.81 11.55
CA LEU A 91 28.14 13.92 10.45
C LEU A 91 29.56 13.42 10.59
N CYS A 92 29.82 12.22 10.07
CA CYS A 92 31.17 11.67 10.05
C CYS A 92 32.01 12.38 9.00
N PRO A 93 33.23 12.80 9.38
CA PRO A 93 34.23 13.22 8.40
C PRO A 93 34.43 12.12 7.35
N VAL A 94 34.41 12.51 6.09
CA VAL A 94 34.42 11.56 4.98
C VAL A 94 35.38 12.03 3.88
N SER A 95 36.37 11.18 3.58
CA SER A 95 37.34 11.49 2.53
C SER A 95 37.06 10.70 1.24
N GLY A 96 36.18 9.72 1.33
CA GLY A 96 35.88 8.87 0.17
C GLY A 96 34.63 8.03 0.32
N TRP A 97 34.21 7.44 -0.80
CA TRP A 97 32.99 6.66 -0.86
C TRP A 97 33.27 5.23 -1.27
N ALA A 98 32.99 4.32 -0.34
CA ALA A 98 33.15 2.89 -0.58
C ALA A 98 31.84 2.28 -1.07
N ILE A 99 31.92 1.42 -2.08
CA ILE A 99 30.70 0.79 -2.62
C ILE A 99 30.05 -0.14 -1.59
N TYR A 100 28.75 0.02 -1.44
CA TYR A 100 27.99 -0.68 -0.40
C TYR A 100 27.08 -1.76 -0.98
N SER A 101 26.40 -1.44 -2.07
CA SER A 101 25.52 -2.42 -2.74
C SER A 101 25.37 -2.20 -4.24
N LYS A 102 24.92 -3.24 -4.92
CA LYS A 102 24.56 -3.22 -6.33
C LYS A 102 23.65 -4.41 -6.58
N ASP A 103 22.44 -4.14 -7.07
CA ASP A 103 21.41 -5.20 -7.17
C ASP A 103 21.27 -5.87 -8.53
N ASN A 104 21.78 -5.24 -9.58
CA ASN A 104 21.72 -5.78 -10.95
C ASN A 104 20.31 -6.16 -11.39
N SER A 105 19.34 -5.29 -11.09
CA SER A 105 17.92 -5.59 -11.29
C SER A 105 17.53 -5.92 -12.72
N ILE A 106 17.94 -5.05 -13.65
CA ILE A 106 17.51 -5.18 -15.04
C ILE A 106 18.22 -6.34 -15.73
N ARG A 107 19.49 -6.57 -15.36
CA ARG A 107 20.24 -7.73 -15.83
C ARG A 107 19.55 -9.03 -15.43
N ILE A 108 19.18 -9.12 -14.15
CA ILE A 108 18.50 -10.29 -13.60
C ILE A 108 17.04 -10.37 -14.08
N GLY A 109 16.40 -9.22 -14.21
CA GLY A 109 15.00 -9.13 -14.62
C GLY A 109 14.72 -9.55 -16.05
N SER A 110 15.79 -9.74 -16.82
CA SER A 110 15.68 -10.20 -18.20
C SER A 110 14.95 -11.54 -18.29
N LYS A 111 15.22 -12.43 -17.33
CA LYS A 111 14.55 -13.72 -17.23
C LYS A 111 13.76 -13.83 -15.93
N GLY A 112 14.34 -13.36 -14.82
CA GLY A 112 13.70 -13.43 -13.51
C GLY A 112 12.50 -12.52 -13.38
N ASP A 113 11.67 -12.78 -12.37
CA ASP A 113 10.47 -11.98 -12.10
C ASP A 113 10.81 -10.78 -11.23
N VAL A 114 11.15 -9.67 -11.89
CA VAL A 114 11.60 -8.45 -11.23
C VAL A 114 10.69 -7.29 -11.61
N PHE A 115 10.26 -6.54 -10.60
CA PHE A 115 9.42 -5.35 -10.80
C PHE A 115 10.10 -4.33 -11.71
N VAL A 116 9.29 -3.68 -12.54
CA VAL A 116 9.69 -2.45 -13.20
C VAL A 116 9.61 -1.36 -12.13
N ILE A 117 10.74 -0.73 -11.82
CA ILE A 117 10.81 0.18 -10.68
C ILE A 117 11.34 1.58 -11.02
N ARG A 118 11.00 2.54 -10.16
CA ARG A 118 11.66 3.84 -10.14
C ARG A 118 11.92 4.21 -8.68
N GLU A 119 12.85 5.14 -8.47
CA GLU A 119 13.13 5.72 -7.15
C GLU A 119 13.57 4.69 -6.10
N PRO A 120 14.69 3.98 -6.34
CA PRO A 120 15.09 2.96 -5.39
C PRO A 120 15.88 3.58 -4.24
N PHE A 121 15.18 4.23 -3.31
CA PHE A 121 15.86 4.85 -2.17
C PHE A 121 16.11 3.89 -1.02
N ILE A 122 17.17 4.15 -0.28
CA ILE A 122 17.55 3.31 0.85
C ILE A 122 17.28 4.00 2.19
N SER A 123 16.85 3.22 3.17
CA SER A 123 16.67 3.68 4.54
C SER A 123 17.03 2.55 5.50
N CYS A 124 17.50 2.89 6.70
CA CYS A 124 18.02 1.89 7.63
C CYS A 124 17.31 1.88 8.98
N SER A 125 17.00 0.69 9.47
CA SER A 125 16.56 0.47 10.83
C SER A 125 17.78 0.06 11.66
N PRO A 126 17.65 0.05 13.01
CA PRO A 126 18.80 -0.38 13.85
C PRO A 126 19.20 -1.84 13.63
N LEU A 127 18.41 -2.58 12.86
CA LEU A 127 18.69 -3.99 12.57
C LEU A 127 19.16 -4.23 11.13
N GLU A 128 18.62 -3.47 10.17
CA GLU A 128 18.92 -3.69 8.75
C GLU A 128 18.81 -2.41 7.91
N CYS A 129 19.25 -2.50 6.66
CA CYS A 129 19.03 -1.44 5.68
C CYS A 129 18.17 -1.97 4.53
N ARG A 130 17.19 -1.18 4.12
CA ARG A 130 16.20 -1.62 3.13
C ARG A 130 16.18 -0.73 1.89
N THR A 131 15.83 -1.31 0.75
CA THR A 131 15.61 -0.56 -0.48
C THR A 131 14.11 -0.39 -0.73
N PHE A 132 13.65 0.86 -0.70
CA PHE A 132 12.27 1.20 -1.06
C PHE A 132 12.22 1.61 -2.53
N PHE A 133 11.09 1.35 -3.18
CA PHE A 133 10.93 1.66 -4.62
C PHE A 133 9.47 1.83 -5.00
N LEU A 134 9.23 2.46 -6.15
CA LEU A 134 7.88 2.59 -6.69
C LEU A 134 7.71 1.72 -7.93
N THR A 135 6.54 1.09 -8.03
CA THR A 135 6.25 0.22 -9.16
C THR A 135 4.82 0.41 -9.67
N GLN A 136 4.64 0.21 -10.98
CA GLN A 136 3.31 0.25 -11.60
C GLN A 136 2.60 -1.09 -11.44
N GLY A 137 3.21 -1.99 -10.66
CA GLY A 137 2.72 -3.36 -10.51
C GLY A 137 2.94 -4.15 -11.79
N ALA A 138 4.13 -4.05 -12.35
CA ALA A 138 4.49 -4.72 -13.59
C ALA A 138 5.91 -5.28 -13.52
N LEU A 139 6.13 -6.39 -14.23
CA LEU A 139 7.45 -7.04 -14.25
C LEU A 139 8.13 -6.83 -15.60
N LEU A 140 9.47 -6.86 -15.58
CA LEU A 140 10.28 -6.70 -16.79
C LEU A 140 10.02 -7.82 -17.80
N ASN A 141 10.13 -7.50 -19.08
CA ASN A 141 9.85 -8.43 -20.17
C ASN A 141 8.39 -8.92 -20.25
N ASP A 142 7.50 -8.21 -19.57
CA ASP A 142 6.06 -8.46 -19.66
C ASP A 142 5.35 -7.29 -20.35
N LYS A 143 4.22 -7.56 -20.99
CA LYS A 143 3.47 -6.54 -21.74
C LYS A 143 3.02 -5.34 -20.90
N HIS A 144 2.79 -5.57 -19.60
CA HIS A 144 2.31 -4.52 -18.70
C HIS A 144 3.35 -3.49 -18.38
N SER A 145 4.61 -3.82 -18.66
CA SER A 145 5.71 -2.87 -18.50
C SER A 145 5.65 -1.73 -19.53
N ASN A 146 4.69 -1.82 -20.46
CA ASN A 146 4.42 -0.76 -21.43
C ASN A 146 4.22 0.58 -20.72
N GLY A 147 5.10 1.54 -21.00
CA GLY A 147 5.11 2.83 -20.32
C GLY A 147 4.01 3.79 -20.75
N THR A 148 2.82 3.26 -21.05
CA THR A 148 1.68 4.06 -21.44
C THR A 148 1.00 4.70 -20.22
N ILE A 149 1.16 4.06 -19.07
CA ILE A 149 0.55 4.53 -17.82
C ILE A 149 1.29 5.77 -17.32
N LYS A 150 0.53 6.70 -16.72
CA LYS A 150 1.08 7.93 -16.17
C LYS A 150 1.84 7.68 -14.87
N ASP A 151 2.68 8.64 -14.49
CA ASP A 151 3.46 8.57 -13.26
C ASP A 151 2.56 8.47 -12.02
N ARG A 152 1.50 9.27 -12.00
CA ARG A 152 0.63 9.34 -10.84
C ARG A 152 -0.67 8.57 -11.06
N SER A 153 -0.55 7.24 -11.03
CA SER A 153 -1.64 6.35 -11.38
C SER A 153 -2.14 5.57 -10.15
N PRO A 154 -3.33 4.96 -10.25
CA PRO A 154 -3.90 4.19 -9.14
C PRO A 154 -3.16 2.88 -8.84
N TYR A 155 -2.32 2.43 -9.77
CA TYR A 155 -1.64 1.14 -9.66
C TYR A 155 -0.31 1.24 -8.91
N ARG A 156 0.24 2.45 -8.82
CA ARG A 156 1.55 2.66 -8.21
C ARG A 156 1.59 2.40 -6.71
N THR A 157 2.56 1.58 -6.31
CA THR A 157 2.70 1.15 -4.93
C THR A 157 4.13 1.36 -4.43
N LEU A 158 4.24 1.71 -3.15
CA LEU A 158 5.53 1.74 -2.47
C LEU A 158 5.80 0.37 -1.86
N MET A 159 6.98 -0.16 -2.14
CA MET A 159 7.40 -1.47 -1.62
C MET A 159 8.88 -1.45 -1.25
N SER A 160 9.29 -2.41 -0.43
CA SER A 160 10.68 -2.49 0.03
C SER A 160 11.24 -3.91 0.04
N CYS A 161 12.50 -4.03 -0.35
CA CYS A 161 13.23 -5.30 -0.35
C CYS A 161 14.59 -5.11 0.33
N PRO A 162 15.21 -6.21 0.81
CA PRO A 162 16.55 -6.08 1.39
C PRO A 162 17.55 -5.48 0.40
N ILE A 163 18.44 -4.62 0.89
CA ILE A 163 19.41 -3.92 0.04
C ILE A 163 20.30 -4.89 -0.75
N GLY A 164 20.47 -4.61 -2.03
CA GLY A 164 21.31 -5.42 -2.90
C GLY A 164 20.59 -6.59 -3.55
N GLU A 165 19.43 -6.94 -3.01
CA GLU A 165 18.56 -7.96 -3.60
C GLU A 165 17.67 -7.30 -4.64
N VAL A 166 17.22 -8.09 -5.62
CA VAL A 166 16.35 -7.57 -6.67
C VAL A 166 14.93 -7.29 -6.15
N PRO A 167 14.27 -6.24 -6.68
CA PRO A 167 12.88 -5.96 -6.35
C PRO A 167 11.95 -6.99 -6.99
N SER A 168 11.69 -8.06 -6.25
CA SER A 168 10.87 -9.16 -6.73
C SER A 168 9.61 -9.30 -5.86
N PRO A 169 8.48 -9.70 -6.48
CA PRO A 169 7.26 -10.01 -5.71
C PRO A 169 7.44 -11.13 -4.68
N TYR A 170 8.59 -11.80 -4.71
CA TYR A 170 8.86 -12.91 -3.79
C TYR A 170 9.74 -12.52 -2.61
N ASN A 171 10.31 -11.31 -2.64
CA ASN A 171 11.11 -10.83 -1.52
C ASN A 171 10.84 -9.38 -1.08
N SER A 172 9.77 -8.80 -1.60
CA SER A 172 9.40 -7.42 -1.29
C SER A 172 8.24 -7.33 -0.31
N ARG A 173 8.37 -6.45 0.69
CA ARG A 173 7.24 -6.11 1.55
C ARG A 173 6.41 -5.06 0.84
N PHE A 174 5.08 -5.19 0.89
CA PHE A 174 4.21 -4.11 0.48
C PHE A 174 4.25 -3.03 1.56
N GLU A 175 4.33 -1.78 1.15
CA GLU A 175 4.38 -0.68 2.12
C GLU A 175 3.13 0.19 2.08
N SER A 176 2.82 0.73 0.91
CA SER A 176 1.73 1.70 0.77
C SER A 176 1.36 1.88 -0.70
N VAL A 177 0.11 2.29 -0.96
CA VAL A 177 -0.31 2.68 -2.30
C VAL A 177 0.11 4.13 -2.53
N ALA A 178 1.06 4.35 -3.43
CA ALA A 178 1.68 5.66 -3.59
C ALA A 178 2.30 5.89 -4.94
N TRP A 179 2.13 7.10 -5.47
CA TRP A 179 2.92 7.56 -6.61
C TRP A 179 3.92 8.62 -6.22
N SER A 180 4.01 8.86 -4.91
CA SER A 180 5.04 9.68 -4.30
C SER A 180 5.18 9.22 -2.86
N ALA A 181 6.42 9.05 -2.40
CA ALA A 181 6.65 8.38 -1.12
C ALA A 181 7.89 8.85 -0.34
N SER A 182 7.90 8.48 0.93
CA SER A 182 9.04 8.68 1.83
C SER A 182 8.99 7.62 2.93
N ALA A 183 10.13 7.33 3.54
CA ALA A 183 10.21 6.32 4.59
C ALA A 183 11.42 6.53 5.49
N CYS A 184 11.24 6.26 6.79
CA CYS A 184 12.32 6.35 7.77
C CYS A 184 11.98 5.60 9.05
N HIS A 185 13.01 5.12 9.74
CA HIS A 185 12.86 4.36 10.98
C HIS A 185 13.33 5.20 12.13
N ASP A 186 12.48 5.38 13.13
CA ASP A 186 12.82 6.22 14.29
C ASP A 186 13.65 5.50 15.36
N GLY A 187 13.95 4.23 15.10
CA GLY A 187 14.66 3.39 16.06
C GLY A 187 13.76 2.36 16.69
N ILE A 188 12.45 2.63 16.67
CA ILE A 188 11.44 1.71 17.20
C ILE A 188 10.67 1.03 16.06
N ASN A 189 10.10 1.83 15.16
CA ASN A 189 9.28 1.32 14.06
C ASN A 189 9.46 2.08 12.75
N TRP A 190 9.08 1.44 11.65
CA TRP A 190 9.09 2.06 10.32
C TRP A 190 7.97 3.05 10.16
N LEU A 191 8.32 4.22 9.64
CA LEU A 191 7.33 5.19 9.17
C LEU A 191 7.40 5.24 7.65
N THR A 192 6.23 5.12 7.01
CA THR A 192 6.11 5.29 5.56
C THR A 192 5.06 6.33 5.23
N ILE A 193 5.39 7.18 4.26
CA ILE A 193 4.47 8.21 3.79
C ILE A 193 4.14 7.92 2.34
N GLY A 194 2.88 7.61 2.08
CA GLY A 194 2.43 7.25 0.75
C GLY A 194 1.36 8.19 0.23
N ILE A 195 1.65 8.88 -0.87
CA ILE A 195 0.69 9.79 -1.48
C ILE A 195 0.05 9.14 -2.70
N SER A 196 -1.28 9.13 -2.70
CA SER A 196 -2.05 8.66 -3.85
C SER A 196 -3.30 9.53 -4.01
N GLY A 197 -4.12 9.22 -5.02
CA GLY A 197 -5.33 9.99 -5.27
C GLY A 197 -5.21 10.84 -6.53
N PRO A 198 -6.22 11.69 -6.79
CA PRO A 198 -6.21 12.53 -8.00
C PRO A 198 -5.24 13.70 -7.87
N ASP A 199 -4.81 14.24 -9.01
CA ASP A 199 -3.87 15.37 -9.05
C ASP A 199 -4.38 16.61 -8.33
N ASN A 200 -5.70 16.76 -8.23
CA ASN A 200 -6.32 17.94 -7.63
C ASN A 200 -6.85 17.72 -6.20
N GLY A 201 -6.43 16.61 -5.59
CA GLY A 201 -6.85 16.30 -4.23
C GLY A 201 -6.16 15.07 -3.66
N ALA A 202 -4.86 14.98 -3.89
CA ALA A 202 -4.06 13.84 -3.41
C ALA A 202 -3.97 13.81 -1.89
N VAL A 203 -3.97 12.60 -1.33
CA VAL A 203 -3.87 12.39 0.11
C VAL A 203 -2.61 11.58 0.43
N ALA A 204 -1.83 12.08 1.39
CA ALA A 204 -0.67 11.38 1.89
C ALA A 204 -1.08 10.58 3.12
N VAL A 205 -0.88 9.27 3.05
CA VAL A 205 -1.25 8.36 4.14
C VAL A 205 0.00 7.97 4.92
N LEU A 206 -0.05 8.21 6.24
CA LEU A 206 1.08 7.92 7.12
C LEU A 206 0.90 6.61 7.87
N LYS A 207 1.83 5.68 7.66
CA LYS A 207 1.82 4.40 8.37
C LYS A 207 2.99 4.29 9.34
N TYR A 208 2.68 3.82 10.55
CA TYR A 208 3.68 3.56 11.56
C TYR A 208 3.53 2.10 12.00
N ASN A 209 4.56 1.30 11.75
CA ASN A 209 4.50 -0.16 11.93
C ASN A 209 3.39 -0.82 11.11
N GLY A 210 3.17 -0.31 9.89
CA GLY A 210 2.15 -0.86 9.00
C GLY A 210 0.72 -0.39 9.24
N ILE A 211 0.52 0.35 10.33
CA ILE A 211 -0.81 0.83 10.71
C ILE A 211 -0.98 2.30 10.34
N ILE A 212 -2.07 2.63 9.64
CA ILE A 212 -2.38 4.03 9.30
C ILE A 212 -2.59 4.85 10.59
N THR A 213 -1.81 5.93 10.70
CA THR A 213 -1.78 6.74 11.92
C THR A 213 -2.19 8.19 11.68
N ASP A 214 -2.09 8.65 10.43
CA ASP A 214 -2.45 10.01 10.04
C ASP A 214 -2.59 10.14 8.52
N THR A 215 -3.20 11.24 8.08
CA THR A 215 -3.27 11.62 6.67
C THR A 215 -3.13 13.13 6.52
N ILE A 216 -2.71 13.59 5.34
CA ILE A 216 -2.79 15.01 4.95
C ILE A 216 -3.33 15.10 3.53
N LYS A 217 -4.23 16.05 3.29
CA LYS A 217 -4.74 16.28 1.95
C LYS A 217 -3.96 17.41 1.29
N SER A 218 -3.99 17.44 -0.03
CA SER A 218 -3.41 18.51 -0.84
C SER A 218 -4.04 19.85 -0.46
N TRP A 219 -3.22 20.82 -0.08
CA TRP A 219 -3.73 22.13 0.33
C TRP A 219 -3.77 23.15 -0.79
N ARG A 220 -3.08 22.87 -1.89
CA ARG A 220 -3.12 23.72 -3.08
C ARG A 220 -3.71 23.03 -4.31
N ASN A 221 -4.20 21.81 -4.12
CA ASN A 221 -4.87 21.03 -5.18
C ASN A 221 -4.08 20.91 -6.48
N ASN A 222 -2.77 20.79 -6.34
CA ASN A 222 -1.89 20.64 -7.50
C ASN A 222 -0.71 19.70 -7.21
N ARG A 223 -0.98 18.41 -7.32
CA ARG A 223 0.03 17.35 -7.23
C ARG A 223 0.87 17.38 -5.96
N LEU A 224 0.22 17.10 -4.83
CA LEU A 224 0.93 16.94 -3.54
C LEU A 224 2.02 15.89 -3.69
N ARG A 225 3.25 16.27 -3.37
CA ARG A 225 4.41 15.39 -3.61
C ARG A 225 5.48 15.55 -2.53
N THR A 226 6.29 14.51 -2.34
CA THR A 226 7.27 14.47 -1.26
C THR A 226 8.68 14.01 -1.71
N GLN A 227 9.49 13.53 -0.78
CA GLN A 227 10.94 13.36 -0.94
C GLN A 227 11.44 12.44 -2.05
N GLU A 228 10.79 11.29 -2.23
CA GLU A 228 11.31 10.18 -3.04
C GLU A 228 12.66 9.67 -2.49
N SER A 229 12.91 9.98 -1.23
CA SER A 229 14.02 9.41 -0.46
C SER A 229 13.68 9.43 1.02
N GLU A 230 14.61 9.02 1.87
CA GLU A 230 14.32 8.84 3.30
C GLU A 230 14.08 10.16 4.04
N CYS A 231 13.18 10.12 5.01
CA CYS A 231 13.00 11.23 5.94
C CYS A 231 14.06 11.15 7.03
N ALA A 232 14.09 12.14 7.92
CA ALA A 232 15.12 12.21 8.95
C ALA A 232 14.50 12.17 10.34
N CYS A 233 15.07 11.37 11.23
CA CYS A 233 14.53 11.22 12.58
C CYS A 233 15.54 11.59 13.66
N VAL A 234 15.12 12.45 14.59
CA VAL A 234 15.96 12.87 15.70
C VAL A 234 15.14 12.73 16.95
N ASN A 235 15.61 11.90 17.86
CA ASN A 235 15.01 11.73 19.17
C ASN A 235 13.53 11.43 19.20
N GLY A 236 13.09 10.50 18.37
CA GLY A 236 11.71 10.09 18.36
C GLY A 236 10.78 10.99 17.60
N SER A 237 11.34 11.91 16.83
CA SER A 237 10.55 12.73 15.90
C SER A 237 11.15 12.61 14.51
N CYS A 238 10.32 12.30 13.53
CA CYS A 238 10.76 12.25 12.13
C CYS A 238 10.29 13.47 11.37
N PHE A 239 11.03 13.85 10.35
CA PHE A 239 10.80 15.11 9.65
C PHE A 239 10.83 14.90 8.14
N THR A 240 9.97 15.61 7.43
CA THR A 240 9.91 15.52 5.98
C THR A 240 9.45 16.86 5.39
N VAL A 241 9.54 16.97 4.06
CA VAL A 241 9.10 18.16 3.35
C VAL A 241 8.20 17.74 2.19
N MET A 242 7.07 18.44 2.06
CA MET A 242 6.15 18.20 0.95
C MET A 242 5.92 19.46 0.12
N THR A 243 5.62 19.25 -1.16
CA THR A 243 5.38 20.35 -2.10
C THR A 243 4.00 20.23 -2.74
N ASP A 244 3.28 21.34 -2.76
CA ASP A 244 2.00 21.43 -3.44
C ASP A 244 2.02 22.64 -4.36
N GLY A 245 1.76 22.41 -5.64
CA GLY A 245 1.76 23.49 -6.64
C GLY A 245 2.50 23.12 -7.91
N PRO A 246 2.73 24.11 -8.80
CA PRO A 246 3.34 23.87 -10.11
C PRO A 246 4.82 23.53 -10.06
N SER A 247 5.26 22.72 -11.02
CA SER A 247 6.69 22.45 -11.24
C SER A 247 7.25 23.52 -12.17
N ASP A 248 6.42 24.53 -12.44
CA ASP A 248 6.58 25.47 -13.52
C ASP A 248 6.99 26.84 -13.00
N GLY A 249 6.51 27.15 -11.80
CA GLY A 249 6.76 28.44 -11.16
C GLY A 249 6.71 28.30 -9.66
N GLN A 250 6.21 29.33 -8.98
CA GLN A 250 6.11 29.32 -7.53
C GLN A 250 5.15 28.23 -7.05
N ALA A 251 5.60 27.41 -6.11
CA ALA A 251 4.77 26.40 -5.48
C ALA A 251 4.77 26.63 -3.97
N SER A 252 4.05 25.77 -3.24
CA SER A 252 4.01 25.86 -1.78
C SER A 252 4.78 24.71 -1.17
N TYR A 253 5.64 25.04 -0.20
CA TYR A 253 6.53 24.06 0.42
C TYR A 253 6.28 24.04 1.92
N LYS A 254 6.11 22.83 2.47
CA LYS A 254 5.86 22.65 3.89
C LYS A 254 6.79 21.63 4.53
N ILE A 255 7.22 21.93 5.76
CA ILE A 255 7.99 21.00 6.57
C ILE A 255 7.09 20.42 7.65
N PHE A 256 7.27 19.13 7.96
CA PHE A 256 6.43 18.44 8.93
C PHE A 256 7.24 17.79 10.04
N ARG A 257 6.69 17.80 11.25
CA ARG A 257 7.25 17.05 12.38
C ARG A 257 6.29 15.93 12.78
N ILE A 258 6.81 14.70 12.77
CA ILE A 258 6.00 13.50 12.93
C ILE A 258 6.49 12.66 14.10
N GLU A 259 5.59 12.33 15.01
CA GLU A 259 5.90 11.43 16.11
C GLU A 259 4.96 10.24 16.10
N LYS A 260 5.53 9.04 16.08
CA LYS A 260 4.78 7.78 16.02
C LYS A 260 3.71 7.76 14.90
N GLY A 261 4.09 8.29 13.74
CA GLY A 261 3.21 8.32 12.57
C GLY A 261 2.17 9.45 12.54
N LYS A 262 2.15 10.27 13.58
CA LYS A 262 1.16 11.36 13.70
C LYS A 262 1.82 12.73 13.62
N ILE A 263 1.27 13.60 12.76
CA ILE A 263 1.79 14.95 12.56
C ILE A 263 1.50 15.84 13.76
N VAL A 264 2.56 16.26 14.45
CA VAL A 264 2.42 17.06 15.67
C VAL A 264 2.65 18.56 15.44
N LYS A 265 3.34 18.90 14.36
CA LYS A 265 3.60 20.29 13.99
C LYS A 265 3.97 20.39 12.51
N SER A 266 3.48 21.44 11.85
CA SER A 266 3.86 21.73 10.48
C SER A 266 4.02 23.24 10.30
N VAL A 267 4.86 23.63 9.36
CA VAL A 267 5.07 25.04 9.04
C VAL A 267 5.26 25.20 7.52
N GLU A 268 4.72 26.30 6.99
CA GLU A 268 4.93 26.62 5.58
C GLU A 268 6.20 27.46 5.44
N MET A 269 6.97 27.16 4.39
CA MET A 269 8.21 27.89 4.14
C MET A 269 7.95 29.19 3.40
N ASN A 270 8.43 30.28 3.99
CA ASN A 270 8.40 31.59 3.36
C ASN A 270 9.58 31.67 2.38
N ALA A 271 9.35 31.20 1.17
CA ALA A 271 10.42 31.07 0.19
C ALA A 271 10.01 31.54 -1.21
N PRO A 272 9.72 32.85 -1.36
CA PRO A 272 9.41 33.36 -2.70
C PRO A 272 10.63 33.32 -3.61
N ASN A 273 10.41 32.96 -4.88
CA ASN A 273 11.47 32.83 -5.89
C ASN A 273 12.26 31.51 -5.79
N TYR A 274 12.04 30.78 -4.71
CA TYR A 274 12.63 29.45 -4.52
C TYR A 274 11.72 28.36 -5.09
N HIS A 275 12.27 27.17 -5.28
CA HIS A 275 11.49 26.00 -5.69
C HIS A 275 12.07 24.74 -5.10
N TYR A 276 11.22 24.00 -4.39
CA TYR A 276 11.64 22.78 -3.70
C TYR A 276 10.85 21.56 -4.18
N GLU A 277 11.57 20.56 -4.66
CA GLU A 277 11.00 19.28 -5.03
C GLU A 277 11.96 18.16 -4.63
N GLU A 278 11.40 17.02 -4.24
CA GLU A 278 12.16 15.79 -4.01
C GLU A 278 13.40 15.99 -3.13
N CYS A 279 13.16 16.41 -1.89
CA CYS A 279 14.24 16.72 -0.96
C CYS A 279 14.93 15.50 -0.37
N SER A 280 16.26 15.50 -0.41
CA SER A 280 17.05 14.54 0.33
C SER A 280 17.39 15.18 1.67
N CYS A 281 16.90 14.57 2.75
CA CYS A 281 17.07 15.13 4.09
C CYS A 281 17.82 14.18 5.01
N TYR A 282 18.63 14.74 5.90
CA TYR A 282 19.40 13.95 6.86
C TYR A 282 19.55 14.67 8.20
N PRO A 283 19.70 13.92 9.31
CA PRO A 283 19.97 14.53 10.60
C PRO A 283 21.46 14.87 10.76
N ASP A 284 21.75 15.79 11.68
CA ASP A 284 23.10 16.29 11.94
C ASP A 284 23.02 17.20 13.16
N SER A 285 23.61 16.77 14.28
CA SER A 285 23.64 17.52 15.54
C SER A 285 22.26 18.03 15.96
N SER A 286 21.28 17.11 15.97
CA SER A 286 19.88 17.39 16.35
C SER A 286 19.12 18.28 15.36
N GLU A 287 19.70 18.49 14.18
CA GLU A 287 19.08 19.33 13.15
C GLU A 287 19.01 18.62 11.81
N ILE A 288 18.06 19.02 10.97
CA ILE A 288 17.86 18.39 9.68
C ILE A 288 18.28 19.32 8.55
N THR A 289 19.00 18.78 7.58
CA THR A 289 19.39 19.53 6.40
C THR A 289 18.84 18.80 5.17
N CYS A 290 18.10 19.52 4.35
CA CYS A 290 17.56 18.98 3.11
C CYS A 290 18.22 19.66 1.91
N VAL A 291 18.60 18.86 0.92
CA VAL A 291 19.08 19.39 -0.36
C VAL A 291 18.15 18.88 -1.44
N CYS A 292 17.58 19.81 -2.21
CA CYS A 292 16.44 19.49 -3.06
C CYS A 292 16.66 19.81 -4.53
N ARG A 293 15.56 19.81 -5.29
CA ARG A 293 15.58 20.05 -6.73
C ARG A 293 14.68 21.24 -7.10
N ASP A 294 15.31 22.28 -7.65
CA ASP A 294 14.59 23.41 -8.22
C ASP A 294 14.24 23.04 -9.66
N ASN A 295 12.96 22.91 -9.93
CA ASN A 295 12.49 22.54 -11.26
C ASN A 295 12.12 23.77 -12.07
N TRP A 296 11.98 24.90 -11.36
CA TRP A 296 11.47 26.15 -11.91
C TRP A 296 12.51 26.90 -12.69
N HIS A 297 13.55 27.38 -12.00
CA HIS A 297 14.57 28.22 -12.63
C HIS A 297 15.91 28.14 -11.93
N GLY A 298 16.26 26.95 -11.47
CA GLY A 298 17.53 26.74 -10.75
C GLY A 298 18.28 25.52 -11.24
N SER A 299 19.52 25.73 -11.65
CA SER A 299 20.42 24.65 -12.06
C SER A 299 21.45 24.33 -10.97
N ASN A 300 21.39 25.09 -9.88
CA ASN A 300 22.04 24.71 -8.63
C ASN A 300 20.96 24.24 -7.66
N ARG A 301 21.36 23.66 -6.53
CA ARG A 301 20.38 23.04 -5.64
C ARG A 301 19.97 23.92 -4.48
N PRO A 302 18.65 24.03 -4.23
CA PRO A 302 18.13 24.73 -3.06
C PRO A 302 18.24 23.86 -1.82
N TRP A 303 18.40 24.49 -0.66
CA TRP A 303 18.41 23.78 0.60
C TRP A 303 17.51 24.37 1.64
N VAL A 304 17.13 23.54 2.59
CA VAL A 304 16.39 23.99 3.76
C VAL A 304 16.87 23.20 4.99
N SER A 305 17.14 23.92 6.07
CA SER A 305 17.60 23.30 7.30
C SER A 305 16.82 23.87 8.48
N PHE A 306 16.51 23.00 9.44
CA PHE A 306 15.64 23.38 10.55
C PHE A 306 15.93 22.59 11.82
N ASN A 307 15.58 23.18 12.96
CA ASN A 307 15.65 22.47 14.24
C ASN A 307 14.41 21.58 14.43
N GLN A 308 14.18 21.12 15.65
CA GLN A 308 13.04 20.25 15.95
C GLN A 308 11.73 21.02 16.08
N ASN A 309 11.84 22.31 16.38
CA ASN A 309 10.68 23.20 16.40
C ASN A 309 10.31 23.71 15.01
N LEU A 310 11.05 23.25 14.01
CA LEU A 310 10.83 23.61 12.61
C LEU A 310 11.19 25.07 12.31
N GLU A 311 12.04 25.66 13.14
CA GLU A 311 12.61 26.98 12.86
C GLU A 311 13.70 26.79 11.81
N TYR A 312 13.49 27.35 10.63
CA TYR A 312 14.30 27.00 9.46
C TYR A 312 15.12 28.15 8.86
N GLN A 313 16.18 27.77 8.15
CA GLN A 313 16.90 28.67 7.25
C GLN A 313 16.78 28.09 5.85
N ILE A 314 16.82 28.96 4.84
CA ILE A 314 16.77 28.52 3.45
C ILE A 314 17.88 29.16 2.62
N GLY A 315 18.26 28.49 1.54
CA GLY A 315 19.25 29.04 0.62
C GLY A 315 19.50 28.12 -0.54
N TYR A 316 20.51 28.45 -1.32
CA TYR A 316 20.99 27.62 -2.42
C TYR A 316 22.46 27.29 -2.20
N ILE A 317 22.91 26.18 -2.79
CA ILE A 317 24.33 25.83 -2.74
C ILE A 317 25.07 26.79 -3.67
N CYS A 318 26.02 27.52 -3.09
CA CYS A 318 26.67 28.63 -3.78
C CYS A 318 27.73 28.20 -4.79
N SER A 319 28.27 27.00 -4.63
CA SER A 319 29.37 26.50 -5.46
C SER A 319 29.13 26.63 -6.96
N GLY A 320 30.17 27.01 -7.69
CA GLY A 320 30.16 27.03 -9.15
C GLY A 320 30.14 25.64 -9.74
N ILE A 321 30.34 24.63 -8.89
CA ILE A 321 30.13 23.23 -9.25
C ILE A 321 28.65 22.95 -9.08
N PHE A 322 27.89 23.14 -10.17
CA PHE A 322 26.43 23.00 -10.16
C PHE A 322 26.00 21.54 -10.08
N GLY A 323 25.07 21.25 -9.19
CA GLY A 323 24.70 19.87 -8.86
C GLY A 323 23.48 19.28 -9.54
N ASP A 324 22.67 20.12 -10.17
CA ASP A 324 21.45 19.69 -10.84
C ASP A 324 21.74 19.22 -12.27
N ASN A 325 20.72 18.66 -12.93
CA ASN A 325 20.81 18.23 -14.32
C ASN A 325 19.43 18.37 -14.98
N PRO A 326 19.32 19.14 -16.08
CA PRO A 326 20.38 19.85 -16.83
C PRO A 326 21.00 21.01 -16.07
N ARG A 327 22.16 21.45 -16.54
CA ARG A 327 22.91 22.55 -15.95
C ARG A 327 23.85 23.14 -17.01
N PRO A 328 24.42 24.33 -16.73
CA PRO A 328 25.46 24.85 -17.62
C PRO A 328 26.83 24.29 -17.24
N ASN A 329 27.85 24.60 -18.04
CA ASN A 329 29.22 24.33 -17.65
C ASN A 329 29.61 25.19 -16.46
N ASP A 330 30.57 24.72 -15.65
CA ASP A 330 30.90 25.36 -14.36
C ASP A 330 31.52 26.76 -14.49
N LYS A 331 30.75 27.77 -14.14
CA LYS A 331 31.26 29.14 -14.01
C LYS A 331 31.24 29.51 -12.52
N THR A 332 31.33 30.81 -12.23
CA THR A 332 31.10 31.33 -10.88
C THR A 332 29.63 31.09 -10.52
N GLY A 333 29.41 30.62 -9.31
CA GLY A 333 28.06 30.26 -8.85
C GLY A 333 27.30 31.42 -8.25
N SER A 334 26.24 31.09 -7.51
CA SER A 334 25.38 32.06 -6.87
C SER A 334 24.75 31.46 -5.62
N CYS A 335 24.48 32.30 -4.62
CA CYS A 335 23.76 31.86 -3.42
C CYS A 335 22.25 32.00 -3.57
N GLY A 336 21.83 32.34 -4.78
CA GLY A 336 20.43 32.30 -5.20
C GLY A 336 20.28 31.33 -6.35
N PRO A 337 19.08 31.29 -6.97
CA PRO A 337 18.83 30.33 -8.06
C PRO A 337 19.56 30.70 -9.36
N VAL A 338 20.31 29.74 -9.91
CA VAL A 338 21.02 29.93 -11.18
C VAL A 338 20.09 29.63 -12.35
N SER A 339 19.63 30.68 -13.02
CA SER A 339 18.61 30.57 -14.07
C SER A 339 19.07 29.84 -15.32
N SER A 340 20.35 30.00 -15.67
CA SER A 340 20.94 29.37 -16.85
C SER A 340 20.74 27.84 -16.80
N ASN A 341 20.03 27.32 -17.80
CA ASN A 341 19.64 25.90 -17.86
C ASN A 341 18.89 25.43 -16.58
N GLY A 342 18.11 26.34 -16.00
CA GLY A 342 17.48 26.12 -14.71
C GLY A 342 16.19 25.35 -14.71
N ALA A 343 15.50 25.32 -15.85
CA ALA A 343 14.26 24.57 -16.01
C ALA A 343 14.53 23.07 -15.97
N ASN A 344 13.53 22.30 -15.56
CA ASN A 344 13.67 20.85 -15.32
C ASN A 344 14.62 20.57 -14.15
N GLY A 345 15.04 19.31 -14.02
CA GLY A 345 15.97 18.92 -12.96
C GLY A 345 16.03 17.42 -12.74
N VAL A 346 16.76 17.01 -11.71
CA VAL A 346 16.82 15.61 -11.30
C VAL A 346 16.91 15.55 -9.77
N LYS A 347 16.34 14.50 -9.19
CA LYS A 347 16.47 14.23 -7.76
C LYS A 347 17.96 14.11 -7.42
N GLY A 348 18.39 14.82 -6.37
CA GLY A 348 19.79 14.82 -5.96
C GLY A 348 19.98 14.98 -4.47
N PHE A 349 21.25 15.14 -4.07
CA PHE A 349 21.62 15.26 -2.66
C PHE A 349 22.96 15.98 -2.54
N SER A 350 23.26 16.44 -1.33
CA SER A 350 24.56 17.02 -0.98
C SER A 350 24.74 17.05 0.52
N PHE A 351 25.99 16.91 0.97
CA PHE A 351 26.30 16.89 2.39
C PHE A 351 27.06 18.13 2.83
N LYS A 352 26.48 18.87 3.75
CA LYS A 352 27.08 20.08 4.29
C LYS A 352 28.10 19.75 5.38
N TYR A 353 29.29 20.33 5.26
CA TYR A 353 30.31 20.28 6.30
C TYR A 353 30.88 21.69 6.48
N GLY A 354 30.35 22.40 7.47
CA GLY A 354 30.70 23.80 7.69
C GLY A 354 30.43 24.63 6.45
N ASN A 355 31.49 25.24 5.91
CA ASN A 355 31.43 25.98 4.65
C ASN A 355 31.60 25.08 3.42
N GLY A 356 31.95 23.81 3.65
CA GLY A 356 32.20 22.86 2.58
C GLY A 356 31.01 21.98 2.25
N VAL A 357 31.06 21.35 1.07
CA VAL A 357 29.98 20.49 0.62
C VAL A 357 30.50 19.29 -0.19
N TRP A 358 29.92 18.11 0.08
CA TRP A 358 30.08 16.95 -0.79
C TRP A 358 28.96 16.95 -1.79
N ILE A 359 29.30 17.19 -3.06
CA ILE A 359 28.30 17.25 -4.13
C ILE A 359 28.28 15.95 -4.91
N GLY A 360 27.10 15.34 -4.98
CA GLY A 360 26.86 14.20 -5.86
C GLY A 360 26.08 14.69 -7.07
N ARG A 361 26.62 14.44 -8.26
CA ARG A 361 25.99 14.91 -9.49
C ARG A 361 26.32 14.04 -10.70
N THR A 362 25.57 14.25 -11.78
CA THR A 362 25.83 13.60 -13.06
C THR A 362 27.11 14.13 -13.69
N LYS A 363 27.69 13.36 -14.61
CA LYS A 363 28.85 13.79 -15.37
C LYS A 363 28.46 14.65 -16.57
N SER A 364 27.35 14.31 -17.21
CA SER A 364 26.81 15.09 -18.32
C SER A 364 26.03 16.30 -17.79
N ILE A 365 26.16 17.44 -18.47
CA ILE A 365 25.46 18.67 -18.07
C ILE A 365 24.03 18.74 -18.61
N SER A 366 23.74 18.00 -19.67
CA SER A 366 22.47 18.10 -20.38
C SER A 366 21.60 16.86 -20.23
N SER A 367 22.25 15.71 -20.05
CA SER A 367 21.55 14.43 -19.98
C SER A 367 21.82 13.70 -18.66
N ARG A 368 21.10 12.61 -18.43
CA ARG A 368 21.29 11.81 -17.21
C ARG A 368 22.32 10.71 -17.41
N ASN A 369 23.57 11.13 -17.62
CA ASN A 369 24.68 10.23 -17.87
C ASN A 369 25.81 10.45 -16.88
N GLY A 370 26.38 9.35 -16.39
CA GLY A 370 27.50 9.40 -15.45
C GLY A 370 27.12 9.86 -14.06
N PHE A 371 28.05 9.68 -13.12
CA PHE A 371 27.91 10.20 -11.76
C PHE A 371 29.27 10.37 -11.11
N GLU A 372 29.39 11.42 -10.30
CA GLU A 372 30.64 11.75 -9.62
C GLU A 372 30.39 12.41 -8.26
N MET A 373 31.26 12.13 -7.29
CA MET A 373 31.27 12.84 -6.01
C MET A 373 32.37 13.89 -6.03
N ILE A 374 32.03 15.12 -5.66
CA ILE A 374 32.97 16.24 -5.70
C ILE A 374 32.99 16.95 -4.34
N TRP A 375 34.19 17.16 -3.80
CA TRP A 375 34.36 17.86 -2.54
C TRP A 375 34.86 19.27 -2.74
N ASP A 376 34.05 20.23 -2.35
CA ASP A 376 34.41 21.65 -2.37
C ASP A 376 34.47 22.15 -0.92
N PRO A 377 35.69 22.46 -0.43
CA PRO A 377 35.89 22.93 0.95
C PRO A 377 35.16 24.24 1.31
N ASN A 378 34.71 24.98 0.29
CA ASN A 378 33.92 26.20 0.52
C ASN A 378 32.73 26.35 -0.45
N GLY A 379 32.19 25.23 -0.92
CA GLY A 379 31.12 25.24 -1.91
C GLY A 379 29.72 25.48 -1.39
N TRP A 380 29.55 25.46 -0.08
CA TRP A 380 28.25 25.75 0.53
C TRP A 380 27.95 27.22 0.52
N THR A 381 28.94 28.03 0.93
CA THR A 381 28.77 29.48 1.06
C THR A 381 29.57 30.28 0.04
N GLY A 382 30.55 29.65 -0.61
CA GLY A 382 31.37 30.33 -1.61
C GLY A 382 30.95 30.00 -3.04
N THR A 383 31.22 30.93 -3.95
CA THR A 383 30.72 30.84 -5.33
C THR A 383 31.73 30.38 -6.38
N ASP A 384 33.01 30.33 -6.02
CA ASP A 384 34.05 29.88 -6.96
C ASP A 384 33.88 28.41 -7.34
N ASN A 385 34.31 28.05 -8.56
CA ASN A 385 34.14 26.69 -9.05
C ASN A 385 35.39 25.80 -8.89
N ASP A 386 36.12 26.00 -7.80
CA ASP A 386 37.32 25.20 -7.50
C ASP A 386 36.99 24.02 -6.60
N PHE A 387 37.61 22.87 -6.88
CA PHE A 387 37.45 21.65 -6.07
C PHE A 387 38.75 20.87 -5.90
N SER A 388 38.91 20.24 -4.73
CA SER A 388 40.14 19.52 -4.39
C SER A 388 40.06 17.99 -4.59
N ILE A 389 38.93 17.39 -4.20
CA ILE A 389 38.73 15.94 -4.37
C ILE A 389 37.58 15.63 -5.33
N LYS A 390 37.78 14.66 -6.21
CA LYS A 390 36.76 14.17 -7.13
C LYS A 390 36.84 12.66 -7.32
N GLN A 391 35.75 11.96 -7.05
CA GLN A 391 35.70 10.51 -7.17
C GLN A 391 34.65 10.07 -8.18
N ASP A 392 35.07 9.27 -9.15
CA ASP A 392 34.16 8.74 -10.17
C ASP A 392 33.31 7.61 -9.64
N ILE A 393 32.02 7.65 -9.98
CA ILE A 393 31.05 6.64 -9.53
C ILE A 393 30.48 5.87 -10.72
N VAL A 394 29.97 6.61 -11.71
CA VAL A 394 29.43 6.02 -12.93
C VAL A 394 30.08 6.71 -14.13
N GLY A 395 30.51 5.91 -15.10
CA GLY A 395 31.17 6.42 -16.31
C GLY A 395 30.32 7.38 -17.11
N ILE A 396 30.99 8.33 -17.77
CA ILE A 396 30.34 9.38 -18.56
C ILE A 396 29.39 8.87 -19.65
N ASN A 397 29.73 7.72 -20.23
CA ASN A 397 28.94 7.12 -21.31
C ASN A 397 27.82 6.19 -20.82
N GLU A 398 27.76 5.99 -19.51
CA GLU A 398 26.79 5.08 -18.91
C GLU A 398 25.57 5.83 -18.36
N TRP A 399 24.49 5.10 -18.11
CA TRP A 399 23.23 5.68 -17.64
C TRP A 399 23.20 5.84 -16.16
N SER A 400 22.74 7.01 -15.72
CA SER A 400 22.46 7.26 -14.32
C SER A 400 21.02 7.77 -14.20
N GLY A 401 20.74 8.54 -13.14
CA GLY A 401 19.42 9.10 -12.93
C GLY A 401 19.27 9.71 -11.56
N TYR A 402 18.15 9.40 -10.89
CA TYR A 402 17.87 9.85 -9.53
C TYR A 402 18.98 9.44 -8.55
N SER A 403 19.22 10.28 -7.55
CA SER A 403 20.16 9.95 -6.49
C SER A 403 19.70 10.58 -5.19
N GLY A 404 19.94 9.90 -4.08
CA GLY A 404 19.49 10.40 -2.79
C GLY A 404 20.47 10.12 -1.68
N SER A 405 20.29 10.84 -0.58
CA SER A 405 21.09 10.62 0.62
C SER A 405 20.42 9.56 1.49
N PHE A 406 21.24 8.84 2.26
CA PHE A 406 20.77 8.09 3.43
C PHE A 406 21.86 7.99 4.48
N VAL A 407 21.46 7.81 5.73
CA VAL A 407 22.42 7.77 6.83
C VAL A 407 22.36 6.46 7.61
N GLN A 408 23.44 6.19 8.35
CA GLN A 408 23.46 5.10 9.31
C GLN A 408 23.84 5.71 10.65
N HIS A 409 22.96 5.52 11.63
CA HIS A 409 23.14 6.14 12.94
C HIS A 409 24.08 5.36 13.81
N PRO A 410 24.64 6.02 14.85
CA PRO A 410 25.48 5.34 15.85
C PRO A 410 24.83 4.10 16.48
N GLU A 411 23.50 4.08 16.51
CA GLU A 411 22.75 2.94 17.06
C GLU A 411 22.85 1.71 16.16
N LEU A 412 23.23 1.93 14.90
CA LEU A 412 23.43 0.84 13.94
C LEU A 412 24.92 0.48 13.72
N THR A 413 25.78 1.51 13.69
CA THR A 413 27.18 1.33 13.35
C THR A 413 28.11 1.16 14.55
N GLY A 414 27.75 1.76 15.68
CA GLY A 414 28.63 1.78 16.85
C GLY A 414 29.67 2.88 16.77
N LEU A 415 29.52 3.76 15.77
CA LEU A 415 30.41 4.91 15.61
C LEU A 415 29.97 6.06 16.54
N ASP A 416 30.80 7.10 16.59
CA ASP A 416 30.51 8.27 17.42
C ASP A 416 29.77 9.36 16.65
N CYS A 417 29.75 9.22 15.32
CA CYS A 417 29.10 10.18 14.44
C CYS A 417 28.03 9.48 13.58
N ILE A 418 27.26 10.28 12.83
CA ILE A 418 26.28 9.75 11.89
C ILE A 418 26.91 9.63 10.50
N ARG A 419 27.00 8.40 10.00
CA ARG A 419 27.65 8.16 8.71
C ARG A 419 26.79 8.53 7.51
N PRO A 420 27.32 9.36 6.60
CA PRO A 420 26.60 9.71 5.38
C PRO A 420 26.81 8.66 4.29
N CYS A 421 25.73 8.33 3.60
CA CYS A 421 25.77 7.39 2.48
C CYS A 421 24.87 7.92 1.38
N PHE A 422 24.91 7.29 0.20
CA PHE A 422 24.04 7.68 -0.90
C PHE A 422 23.75 6.55 -1.87
N TRP A 423 22.61 6.63 -2.54
CA TRP A 423 22.23 5.69 -3.58
C TRP A 423 22.13 6.39 -4.91
N VAL A 424 22.33 5.63 -5.99
CA VAL A 424 22.14 6.15 -7.34
C VAL A 424 21.20 5.21 -8.10
N GLU A 425 20.19 5.79 -8.73
CA GLU A 425 19.33 5.07 -9.64
C GLU A 425 19.95 5.10 -11.03
N LEU A 426 20.08 3.92 -11.64
CA LEU A 426 20.62 3.80 -12.99
C LEU A 426 19.48 3.46 -13.96
N ILE A 427 18.91 4.51 -14.56
CA ILE A 427 17.72 4.42 -15.41
C ILE A 427 18.02 3.84 -16.80
N ARG A 428 17.24 2.84 -17.20
CA ARG A 428 17.34 2.23 -18.52
C ARG A 428 16.00 2.26 -19.24
N GLY A 429 16.04 2.44 -20.56
CA GLY A 429 14.82 2.44 -21.38
C GLY A 429 14.42 3.81 -21.87
N ARG A 430 13.12 4.07 -21.90
CA ARG A 430 12.59 5.36 -22.36
C ARG A 430 12.87 6.48 -21.33
N PRO A 431 13.10 7.71 -21.81
CA PRO A 431 13.01 8.16 -23.21
C PRO A 431 14.28 7.92 -24.04
N LYS A 432 15.38 7.63 -23.35
CA LYS A 432 16.72 7.58 -23.95
C LYS A 432 16.96 6.41 -24.90
N GLU A 433 16.32 5.28 -24.65
CA GLU A 433 16.59 4.05 -25.42
C GLU A 433 15.32 3.48 -26.06
N ASN A 434 15.52 2.69 -27.11
CA ASN A 434 14.41 2.16 -27.91
C ASN A 434 13.72 0.95 -27.30
N THR A 435 12.98 1.20 -26.21
CA THR A 435 12.19 0.16 -25.53
C THR A 435 10.76 0.64 -25.35
N ILE A 436 9.90 -0.20 -24.78
CA ILE A 436 8.53 0.18 -24.45
C ILE A 436 8.40 0.54 -22.96
N TRP A 437 9.49 0.39 -22.23
CA TRP A 437 9.46 0.47 -20.77
C TRP A 437 10.57 1.34 -20.22
N THR A 438 10.52 1.56 -18.91
CA THR A 438 11.55 2.28 -18.18
C THR A 438 11.68 1.68 -16.77
N SER A 439 12.91 1.41 -16.36
CA SER A 439 13.19 0.91 -15.01
C SER A 439 14.58 1.36 -14.59
N GLY A 440 14.86 1.31 -13.29
CA GLY A 440 16.16 1.71 -12.76
C GLY A 440 16.86 0.62 -11.98
N SER A 441 18.19 0.60 -12.08
CA SER A 441 19.06 -0.23 -11.24
C SER A 441 19.42 0.53 -9.96
N SER A 442 20.17 -0.12 -9.07
CA SER A 442 20.55 0.51 -7.82
C SER A 442 21.98 0.22 -7.41
N ILE A 443 22.73 1.28 -7.12
CA ILE A 443 24.04 1.18 -6.49
C ILE A 443 24.05 2.13 -5.30
N SER A 444 24.80 1.77 -4.26
CA SER A 444 24.90 2.63 -3.08
C SER A 444 26.30 2.62 -2.50
N PHE A 445 26.66 3.71 -1.83
CA PHE A 445 28.01 3.94 -1.33
C PHE A 445 27.95 4.51 0.09
N CYS A 446 28.91 4.12 0.91
CA CYS A 446 29.04 4.66 2.27
C CYS A 446 30.26 5.56 2.40
N GLY A 447 30.12 6.62 3.20
CA GLY A 447 31.22 7.52 3.48
C GLY A 447 32.16 6.95 4.52
N VAL A 448 33.42 6.78 4.12
CA VAL A 448 34.46 6.27 5.01
C VAL A 448 35.68 7.19 5.06
N ASN A 449 36.41 7.11 6.17
CA ASN A 449 37.62 7.89 6.33
C ASN A 449 38.87 7.03 6.15
N SER A 450 38.85 6.24 5.08
CA SER A 450 39.95 5.35 4.72
C SER A 450 40.00 5.17 3.20
N ASP A 451 40.92 4.34 2.72
CA ASP A 451 41.20 4.19 1.28
C ASP A 451 39.97 3.91 0.44
N THR A 452 39.81 4.65 -0.65
CA THR A 452 38.74 4.42 -1.62
C THR A 452 39.27 4.54 -3.05
N VAL A 453 38.41 4.34 -4.04
CA VAL A 453 38.80 4.45 -5.44
C VAL A 453 37.64 4.87 -6.35
N GLY A 454 37.96 5.64 -7.38
CA GLY A 454 37.02 5.99 -8.43
C GLY A 454 36.94 4.88 -9.46
N TRP A 455 35.74 4.67 -10.01
CA TRP A 455 35.51 3.68 -11.05
C TRP A 455 34.17 3.91 -11.70
N SER A 456 33.73 2.95 -12.50
CA SER A 456 32.40 3.00 -13.10
C SER A 456 31.65 1.71 -12.81
N TRP A 457 30.56 1.82 -12.05
CA TRP A 457 29.69 0.69 -11.75
C TRP A 457 28.34 0.89 -12.41
N PRO A 458 28.23 0.57 -13.71
CA PRO A 458 26.99 0.86 -14.41
C PRO A 458 25.93 -0.23 -14.26
N ASP A 459 24.76 0.00 -14.86
CA ASP A 459 23.67 -0.97 -14.88
C ASP A 459 24.11 -2.32 -15.43
N GLY A 460 24.44 -2.37 -16.72
CA GLY A 460 24.99 -3.57 -17.35
C GLY A 460 24.04 -4.36 -18.22
N ALA A 461 22.80 -3.91 -18.35
CA ALA A 461 21.81 -4.63 -19.15
C ALA A 461 21.99 -4.39 -20.64
N GLU A 462 21.72 -5.43 -21.42
CA GLU A 462 21.78 -5.37 -22.87
C GLU A 462 20.36 -5.12 -23.40
N LEU A 463 20.09 -3.89 -23.81
CA LEU A 463 18.78 -3.53 -24.39
C LEU A 463 18.87 -3.47 -25.91
N PRO A 464 17.73 -3.62 -26.62
CA PRO A 464 16.36 -3.85 -26.10
C PRO A 464 16.11 -5.29 -25.66
N PHE A 465 15.01 -5.50 -24.96
CA PHE A 465 14.63 -6.80 -24.40
C PHE A 465 13.66 -7.55 -25.33
N THR A 466 13.37 -8.80 -24.97
CA THR A 466 12.47 -9.68 -25.74
C THR A 466 11.09 -9.04 -26.01
N ILE A 467 10.54 -8.32 -25.03
CA ILE A 467 9.21 -7.73 -25.13
C ILE A 467 9.13 -6.58 -26.16
N ASP A 468 10.28 -6.02 -26.51
CA ASP A 468 10.34 -4.83 -27.37
C ASP A 468 10.26 -5.16 -28.85
N VAL B 83 -1.65 -11.69 24.24
CA VAL B 83 -2.87 -11.72 25.10
C VAL B 83 -4.15 -11.67 24.26
N LYS B 84 -5.24 -12.19 24.82
CA LYS B 84 -6.56 -12.18 24.18
C LYS B 84 -7.02 -10.79 23.76
N LEU B 85 -7.65 -10.71 22.60
CA LEU B 85 -8.29 -9.47 22.16
C LEU B 85 -9.54 -9.23 23.00
N ALA B 86 -9.61 -8.04 23.62
CA ALA B 86 -10.71 -7.69 24.52
C ALA B 86 -12.04 -7.55 23.78
N GLY B 87 -12.02 -6.82 22.67
CA GLY B 87 -13.21 -6.63 21.82
C GLY B 87 -14.37 -5.89 22.46
N ASN B 88 -14.11 -5.14 23.51
CA ASN B 88 -15.17 -4.49 24.25
C ASN B 88 -15.39 -3.00 23.99
N SER B 89 -14.57 -2.42 23.13
CA SER B 89 -14.70 -1.01 22.79
C SER B 89 -15.61 -0.81 21.58
N SER B 90 -16.03 0.43 21.35
CA SER B 90 -16.89 0.76 20.21
C SER B 90 -16.09 0.82 18.92
N LEU B 91 -16.79 0.75 17.78
CA LEU B 91 -16.17 1.05 16.50
C LEU B 91 -15.69 2.50 16.52
N CYS B 92 -14.59 2.75 15.82
CA CYS B 92 -14.06 4.12 15.71
C CYS B 92 -15.01 4.96 14.86
N PRO B 93 -15.19 6.24 15.24
CA PRO B 93 -15.92 7.17 14.39
C PRO B 93 -15.14 7.38 13.09
N VAL B 94 -15.83 7.27 11.96
CA VAL B 94 -15.18 7.26 10.65
C VAL B 94 -15.88 8.20 9.68
N SER B 95 -15.13 9.19 9.18
CA SER B 95 -15.65 10.16 8.22
C SER B 95 -15.14 9.90 6.80
N GLY B 96 -14.18 8.99 6.68
CA GLY B 96 -13.60 8.66 5.38
C GLY B 96 -12.72 7.42 5.37
N TRP B 97 -12.38 6.97 4.17
CA TRP B 97 -11.63 5.73 3.99
C TRP B 97 -10.35 5.97 3.25
N ALA B 98 -9.23 5.70 3.92
CA ALA B 98 -7.90 5.86 3.34
C ALA B 98 -7.44 4.53 2.75
N ILE B 99 -6.81 4.59 1.57
CA ILE B 99 -6.33 3.37 0.94
C ILE B 99 -5.22 2.72 1.77
N TYR B 100 -5.32 1.40 1.93
CA TYR B 100 -4.45 0.65 2.82
C TYR B 100 -3.54 -0.27 2.04
N SER B 101 -4.09 -0.97 1.05
CA SER B 101 -3.28 -1.87 0.20
C SER B 101 -3.82 -2.04 -1.22
N LYS B 102 -2.92 -2.47 -2.10
CA LYS B 102 -3.26 -2.87 -3.47
C LYS B 102 -2.17 -3.82 -3.96
N ASP B 103 -2.54 -5.02 -4.33
CA ASP B 103 -1.55 -6.04 -4.70
C ASP B 103 -1.22 -6.15 -6.20
N ASN B 104 -2.04 -5.55 -7.06
CA ASN B 104 -1.84 -5.58 -8.51
C ASN B 104 -1.55 -6.99 -9.04
N SER B 105 -2.17 -7.99 -8.44
CA SER B 105 -1.78 -9.39 -8.62
C SER B 105 -2.01 -9.96 -10.03
N ILE B 106 -3.07 -9.52 -10.70
CA ILE B 106 -3.35 -9.98 -12.05
C ILE B 106 -2.39 -9.35 -13.07
N ARG B 107 -2.06 -8.07 -12.86
CA ARG B 107 -1.04 -7.39 -13.66
C ARG B 107 0.32 -8.09 -13.55
N ILE B 108 0.73 -8.39 -12.31
CA ILE B 108 1.96 -9.10 -12.02
C ILE B 108 1.89 -10.56 -12.50
N GLY B 109 0.74 -11.19 -12.30
CA GLY B 109 0.52 -12.58 -12.69
C GLY B 109 0.56 -12.87 -14.19
N SER B 110 0.66 -11.82 -14.99
CA SER B 110 0.83 -11.97 -16.44
C SER B 110 2.11 -12.73 -16.75
N LYS B 111 3.20 -12.37 -16.08
CA LYS B 111 4.48 -13.05 -16.24
C LYS B 111 4.81 -13.88 -15.00
N GLY B 112 4.62 -13.29 -13.81
CA GLY B 112 4.96 -13.93 -12.55
C GLY B 112 4.15 -15.19 -12.27
N ASP B 113 4.58 -15.93 -11.24
CA ASP B 113 3.87 -17.13 -10.81
C ASP B 113 2.92 -16.80 -9.66
N VAL B 114 1.71 -16.38 -10.03
CA VAL B 114 0.68 -15.93 -9.10
C VAL B 114 -0.54 -16.82 -9.22
N PHE B 115 -1.11 -17.22 -8.08
CA PHE B 115 -2.33 -18.05 -8.05
C PHE B 115 -3.52 -17.37 -8.73
N VAL B 116 -4.36 -18.18 -9.36
CA VAL B 116 -5.70 -17.75 -9.74
C VAL B 116 -6.53 -17.84 -8.47
N ILE B 117 -7.02 -16.70 -7.98
CA ILE B 117 -7.69 -16.64 -6.68
C ILE B 117 -9.12 -16.09 -6.72
N ARG B 118 -9.87 -16.40 -5.68
CA ARG B 118 -11.14 -15.74 -5.37
C ARG B 118 -11.21 -15.48 -3.86
N GLU B 119 -12.08 -14.56 -3.47
CA GLU B 119 -12.31 -14.19 -2.06
C GLU B 119 -11.03 -13.77 -1.32
N PRO B 120 -10.37 -12.69 -1.77
CA PRO B 120 -9.17 -12.24 -1.06
C PRO B 120 -9.50 -11.46 0.22
N PHE B 121 -10.04 -12.15 1.22
CA PHE B 121 -10.39 -11.49 2.48
C PHE B 121 -9.20 -11.27 3.40
N ILE B 122 -9.23 -10.16 4.13
CA ILE B 122 -8.15 -9.79 5.03
C ILE B 122 -8.54 -10.02 6.49
N SER B 123 -7.58 -10.46 7.29
CA SER B 123 -7.74 -10.55 8.74
C SER B 123 -6.41 -10.23 9.43
N CYS B 124 -6.47 -9.75 10.66
CA CYS B 124 -5.28 -9.23 11.33
C CYS B 124 -4.99 -9.91 12.67
N SER B 125 -3.74 -10.32 12.84
CA SER B 125 -3.21 -10.72 14.14
C SER B 125 -2.79 -9.46 14.90
N PRO B 126 -2.37 -9.59 16.18
CA PRO B 126 -1.88 -8.39 16.85
C PRO B 126 -0.49 -7.96 16.36
N LEU B 127 0.08 -8.72 15.42
CA LEU B 127 1.41 -8.43 14.88
C LEU B 127 1.40 -8.04 13.40
N GLU B 128 0.48 -8.60 12.63
CA GLU B 128 0.40 -8.36 11.18
C GLU B 128 -1.01 -8.51 10.62
N CYS B 129 -1.20 -8.11 9.37
CA CYS B 129 -2.45 -8.35 8.65
C CYS B 129 -2.16 -9.23 7.43
N ARG B 130 -3.06 -10.18 7.18
CA ARG B 130 -2.84 -11.18 6.14
C ARG B 130 -4.01 -11.22 5.16
N THR B 131 -3.71 -11.54 3.90
CA THR B 131 -4.75 -11.76 2.92
C THR B 131 -4.97 -13.26 2.69
N PHE B 132 -6.14 -13.74 3.09
CA PHE B 132 -6.57 -15.11 2.83
C PHE B 132 -7.26 -15.15 1.47
N PHE B 133 -7.24 -16.31 0.82
CA PHE B 133 -7.86 -16.48 -0.50
C PHE B 133 -8.11 -17.95 -0.82
N LEU B 134 -8.95 -18.21 -1.82
CA LEU B 134 -9.20 -19.57 -2.30
C LEU B 134 -8.59 -19.79 -3.69
N THR B 135 -7.99 -20.96 -3.89
CA THR B 135 -7.39 -21.29 -5.17
C THR B 135 -7.80 -22.68 -5.66
N GLN B 136 -7.98 -22.80 -6.97
CA GLN B 136 -8.17 -24.09 -7.62
C GLN B 136 -6.84 -24.82 -7.74
N GLY B 137 -5.78 -24.22 -7.19
CA GLY B 137 -4.43 -24.74 -7.31
C GLY B 137 -3.87 -24.55 -8.71
N ALA B 138 -4.15 -23.37 -9.28
CA ALA B 138 -3.72 -23.05 -10.64
C ALA B 138 -3.09 -21.66 -10.69
N LEU B 139 -2.24 -21.44 -11.69
CA LEU B 139 -1.59 -20.13 -11.86
C LEU B 139 -2.09 -19.44 -13.13
N LEU B 140 -2.01 -18.10 -13.14
CA LEU B 140 -2.39 -17.31 -14.31
C LEU B 140 -1.48 -17.61 -15.49
N ASN B 141 -2.04 -17.52 -16.70
CA ASN B 141 -1.35 -17.87 -17.94
C ASN B 141 -0.90 -19.35 -18.06
N ASP B 142 -1.48 -20.21 -17.23
CA ASP B 142 -1.28 -21.66 -17.36
C ASP B 142 -2.58 -22.34 -17.79
N LYS B 143 -2.45 -23.48 -18.47
CA LYS B 143 -3.61 -24.23 -18.96
C LYS B 143 -4.56 -24.70 -17.86
N HIS B 144 -4.04 -24.89 -16.65
CA HIS B 144 -4.83 -25.35 -15.51
C HIS B 144 -5.79 -24.32 -15.00
N SER B 145 -5.54 -23.05 -15.33
CA SER B 145 -6.45 -21.96 -14.97
C SER B 145 -7.76 -22.01 -15.76
N ASN B 146 -7.91 -23.02 -16.62
CA ASN B 146 -9.14 -23.26 -17.37
C ASN B 146 -10.33 -23.42 -16.43
N GLY B 147 -11.26 -22.47 -16.50
CA GLY B 147 -12.37 -22.40 -15.54
C GLY B 147 -13.53 -23.34 -15.80
N THR B 148 -13.22 -24.57 -16.20
CA THR B 148 -14.23 -25.60 -16.41
C THR B 148 -14.51 -26.37 -15.13
N ILE B 149 -13.55 -26.35 -14.21
CA ILE B 149 -13.68 -27.01 -12.91
C ILE B 149 -14.68 -26.25 -12.04
N LYS B 150 -15.59 -27.01 -11.41
CA LYS B 150 -16.63 -26.45 -10.53
C LYS B 150 -16.06 -25.70 -9.33
N ASP B 151 -16.88 -24.84 -8.73
CA ASP B 151 -16.46 -24.01 -7.60
C ASP B 151 -16.13 -24.84 -6.36
N ARG B 152 -16.89 -25.92 -6.14
CA ARG B 152 -16.71 -26.74 -4.95
C ARG B 152 -15.94 -28.03 -5.24
N SER B 153 -14.77 -27.86 -5.87
CA SER B 153 -13.90 -28.97 -6.26
C SER B 153 -13.05 -29.46 -5.09
N PRO B 154 -12.50 -30.68 -5.20
CA PRO B 154 -11.53 -31.19 -4.22
C PRO B 154 -10.16 -30.49 -4.26
N TYR B 155 -9.88 -29.75 -5.33
CA TYR B 155 -8.60 -29.07 -5.51
C TYR B 155 -8.53 -27.72 -4.78
N ARG B 156 -9.70 -27.18 -4.43
CA ARG B 156 -9.79 -25.88 -3.77
C ARG B 156 -9.13 -25.85 -2.40
N THR B 157 -8.28 -24.85 -2.19
CA THR B 157 -7.55 -24.70 -0.93
C THR B 157 -7.59 -23.26 -0.42
N LEU B 158 -7.73 -23.12 0.89
CA LEU B 158 -7.59 -21.82 1.56
C LEU B 158 -6.11 -21.58 1.89
N MET B 159 -5.61 -20.42 1.46
CA MET B 159 -4.22 -20.02 1.73
C MET B 159 -4.14 -18.54 2.08
N SER B 160 -3.01 -18.13 2.67
CA SER B 160 -2.81 -16.73 3.04
C SER B 160 -1.42 -16.21 2.69
N CYS B 161 -1.32 -14.90 2.50
CA CYS B 161 -0.06 -14.21 2.23
C CYS B 161 -0.08 -12.84 2.92
N PRO B 162 1.11 -12.21 3.09
CA PRO B 162 1.08 -10.86 3.67
C PRO B 162 0.25 -9.89 2.84
N ILE B 163 -0.38 -8.93 3.53
CA ILE B 163 -1.23 -7.95 2.88
C ILE B 163 -0.46 -7.13 1.85
N GLY B 164 -1.05 -7.00 0.66
CA GLY B 164 -0.47 -6.16 -0.41
C GLY B 164 0.50 -6.88 -1.33
N GLU B 165 0.92 -8.09 -0.94
CA GLU B 165 1.77 -8.92 -1.78
C GLU B 165 0.92 -9.80 -2.68
N VAL B 166 1.50 -10.28 -3.79
CA VAL B 166 0.79 -11.18 -4.69
C VAL B 166 0.60 -12.55 -4.07
N PRO B 167 -0.57 -13.18 -4.30
CA PRO B 167 -0.79 -14.55 -3.86
C PRO B 167 0.03 -15.53 -4.70
N SER B 168 1.26 -15.76 -4.28
CA SER B 168 2.18 -16.64 -5.00
C SER B 168 2.48 -17.88 -4.18
N PRO B 169 2.71 -19.03 -4.85
CA PRO B 169 3.18 -20.25 -4.17
C PRO B 169 4.50 -20.08 -3.42
N TYR B 170 5.24 -19.00 -3.71
CA TYR B 170 6.54 -18.76 -3.07
C TYR B 170 6.46 -17.86 -1.83
N ASN B 171 5.30 -17.25 -1.60
CA ASN B 171 5.09 -16.40 -0.42
C ASN B 171 3.77 -16.66 0.30
N SER B 172 3.05 -17.70 -0.12
CA SER B 172 1.78 -18.06 0.52
C SER B 172 1.92 -19.18 1.54
N ARG B 173 1.18 -19.05 2.64
CA ARG B 173 1.11 -20.05 3.68
C ARG B 173 -0.16 -20.89 3.46
N PHE B 174 0.00 -22.21 3.44
CA PHE B 174 -1.16 -23.11 3.31
C PHE B 174 -1.98 -23.13 4.59
N GLU B 175 -3.29 -22.96 4.46
CA GLU B 175 -4.16 -22.95 5.63
C GLU B 175 -5.01 -24.22 5.77
N SER B 176 -5.83 -24.49 4.75
CA SER B 176 -6.78 -25.61 4.80
C SER B 176 -7.25 -25.97 3.39
N VAL B 177 -7.78 -27.19 3.24
CA VAL B 177 -8.42 -27.60 2.00
C VAL B 177 -9.89 -27.17 2.08
N ALA B 178 -10.27 -26.22 1.24
CA ALA B 178 -11.59 -25.59 1.36
C ALA B 178 -12.09 -24.98 0.07
N TRP B 179 -13.39 -25.15 -0.19
CA TRP B 179 -14.07 -24.36 -1.22
C TRP B 179 -15.02 -23.37 -0.60
N SER B 180 -14.94 -23.23 0.73
CA SER B 180 -15.63 -22.20 1.50
C SER B 180 -14.89 -22.08 2.82
N ALA B 181 -14.64 -20.85 3.27
CA ALA B 181 -13.72 -20.63 4.40
C ALA B 181 -13.97 -19.36 5.23
N SER B 182 -13.42 -19.38 6.44
CA SER B 182 -13.38 -18.20 7.33
C SER B 182 -12.11 -18.25 8.19
N ALA B 183 -11.64 -17.09 8.62
CA ALA B 183 -10.43 -17.01 9.45
C ALA B 183 -10.42 -15.80 10.36
N CYS B 184 -9.86 -15.97 11.56
CA CYS B 184 -9.68 -14.86 12.50
C CYS B 184 -8.66 -15.20 13.58
N HIS B 185 -8.10 -14.17 14.20
CA HIS B 185 -7.10 -14.31 15.25
C HIS B 185 -7.67 -13.82 16.55
N ASP B 186 -7.62 -14.65 17.58
CA ASP B 186 -8.21 -14.29 18.87
C ASP B 186 -7.28 -13.47 19.77
N GLY B 187 -6.05 -13.26 19.31
CA GLY B 187 -5.02 -12.58 20.09
C GLY B 187 -3.85 -13.48 20.43
N ILE B 188 -4.12 -14.78 20.53
CA ILE B 188 -3.09 -15.77 20.82
C ILE B 188 -2.70 -16.54 19.55
N ASN B 189 -3.69 -17.13 18.87
CA ASN B 189 -3.44 -17.93 17.68
C ASN B 189 -4.47 -17.72 16.56
N TRP B 190 -4.08 -18.14 15.35
CA TRP B 190 -4.99 -18.14 14.20
C TRP B 190 -6.01 -19.23 14.27
N LEU B 191 -7.26 -18.87 14.04
CA LEU B 191 -8.32 -19.84 13.79
C LEU B 191 -8.71 -19.78 12.32
N THR B 192 -8.69 -20.93 11.66
CA THR B 192 -9.18 -21.06 10.30
C THR B 192 -10.28 -22.11 10.25
N ILE B 193 -11.25 -21.87 9.38
CA ILE B 193 -12.36 -22.79 9.17
C ILE B 193 -12.41 -23.11 7.68
N GLY B 194 -12.19 -24.37 7.34
CA GLY B 194 -12.19 -24.80 5.95
C GLY B 194 -13.22 -25.88 5.68
N ILE B 195 -14.17 -25.57 4.79
CA ILE B 195 -15.21 -26.52 4.43
C ILE B 195 -14.86 -27.20 3.10
N SER B 196 -14.85 -28.53 3.12
CA SER B 196 -14.65 -29.32 1.92
C SER B 196 -15.52 -30.57 1.96
N GLY B 197 -15.46 -31.39 0.93
CA GLY B 197 -16.26 -32.60 0.84
C GLY B 197 -17.35 -32.49 -0.21
N PRO B 198 -18.23 -33.52 -0.29
CA PRO B 198 -19.32 -33.55 -1.27
C PRO B 198 -20.44 -32.55 -0.95
N ASP B 199 -21.17 -32.13 -1.99
CA ASP B 199 -22.29 -31.20 -1.86
C ASP B 199 -23.33 -31.63 -0.83
N ASN B 200 -23.49 -32.94 -0.67
CA ASN B 200 -24.52 -33.49 0.24
C ASN B 200 -24.02 -33.90 1.64
N GLY B 201 -22.77 -33.56 1.95
CA GLY B 201 -22.18 -33.93 3.23
C GLY B 201 -20.86 -33.25 3.52
N ALA B 202 -20.79 -31.95 3.22
CA ALA B 202 -19.60 -31.15 3.46
C ALA B 202 -19.20 -31.13 4.93
N VAL B 203 -17.90 -31.03 5.18
CA VAL B 203 -17.36 -30.97 6.54
C VAL B 203 -16.50 -29.72 6.74
N ALA B 204 -16.82 -28.97 7.79
CA ALA B 204 -16.03 -27.81 8.18
C ALA B 204 -14.93 -28.28 9.11
N VAL B 205 -13.69 -28.07 8.70
CA VAL B 205 -12.53 -28.43 9.50
C VAL B 205 -11.97 -27.17 10.18
N LEU B 206 -11.90 -27.21 11.51
CA LEU B 206 -11.43 -26.07 12.29
C LEU B 206 -10.01 -26.30 12.77
N LYS B 207 -9.13 -25.33 12.48
CA LYS B 207 -7.74 -25.40 12.92
C LYS B 207 -7.42 -24.22 13.82
N TYR B 208 -6.81 -24.52 14.97
CA TYR B 208 -6.28 -23.51 15.86
C TYR B 208 -4.77 -23.68 15.86
N ASN B 209 -4.06 -22.63 15.44
CA ASN B 209 -2.60 -22.66 15.28
C ASN B 209 -2.16 -23.76 14.29
N GLY B 210 -2.95 -23.98 13.25
CA GLY B 210 -2.65 -24.97 12.23
C GLY B 210 -2.93 -26.42 12.62
N ILE B 211 -3.56 -26.61 13.78
CA ILE B 211 -3.87 -27.95 14.28
C ILE B 211 -5.38 -28.19 14.33
N ILE B 212 -5.84 -29.24 13.66
CA ILE B 212 -7.27 -29.59 13.62
C ILE B 212 -7.82 -29.78 15.04
N THR B 213 -8.86 -29.01 15.37
CA THR B 213 -9.40 -28.98 16.73
C THR B 213 -10.89 -29.34 16.79
N ASP B 214 -11.58 -29.28 15.65
CA ASP B 214 -12.99 -29.65 15.59
C ASP B 214 -13.45 -29.79 14.15
N THR B 215 -14.61 -30.44 13.99
CA THR B 215 -15.28 -30.54 12.69
C THR B 215 -16.80 -30.37 12.87
N ILE B 216 -17.43 -29.75 11.88
CA ILE B 216 -18.89 -29.67 11.81
C ILE B 216 -19.35 -30.28 10.49
N LYS B 217 -20.30 -31.20 10.56
CA LYS B 217 -20.87 -31.81 9.36
C LYS B 217 -22.14 -31.08 8.96
N SER B 218 -22.35 -31.00 7.63
CA SER B 218 -23.57 -30.45 7.06
C SER B 218 -24.82 -31.09 7.66
N TRP B 219 -25.70 -30.27 8.23
CA TRP B 219 -26.90 -30.75 8.92
C TRP B 219 -28.15 -30.78 8.05
N ARG B 220 -28.12 -30.07 6.92
CA ARG B 220 -29.22 -30.09 5.96
C ARG B 220 -28.83 -30.73 4.62
N ASN B 221 -27.60 -31.25 4.56
CA ASN B 221 -27.08 -31.97 3.38
C ASN B 221 -27.17 -31.21 2.06
N ASN B 222 -27.00 -29.89 2.12
CA ASN B 222 -27.12 -29.05 0.93
C ASN B 222 -26.12 -27.88 0.93
N ARG B 223 -24.89 -28.18 0.51
CA ARG B 223 -23.82 -27.19 0.30
C ARG B 223 -23.52 -26.32 1.52
N LEU B 224 -23.08 -26.95 2.61
CA LEU B 224 -22.65 -26.22 3.81
C LEU B 224 -21.61 -25.17 3.44
N ARG B 225 -21.86 -23.92 3.84
CA ARG B 225 -21.05 -22.79 3.42
C ARG B 225 -20.97 -21.70 4.48
N THR B 226 -19.89 -20.91 4.44
CA THR B 226 -19.62 -19.90 5.47
C THR B 226 -19.26 -18.52 4.89
N GLN B 227 -18.59 -17.69 5.69
CA GLN B 227 -18.46 -16.24 5.45
C GLN B 227 -17.76 -15.79 4.17
N GLU B 228 -16.68 -16.48 3.79
CA GLU B 228 -15.74 -16.00 2.76
C GLU B 228 -15.17 -14.65 3.19
N SER B 229 -14.99 -14.50 4.50
CA SER B 229 -14.63 -13.25 5.15
C SER B 229 -14.18 -13.60 6.57
N GLU B 230 -13.47 -12.68 7.22
CA GLU B 230 -12.98 -12.93 8.57
C GLU B 230 -14.10 -13.15 9.59
N CYS B 231 -13.89 -14.05 10.53
CA CYS B 231 -14.78 -14.20 11.67
C CYS B 231 -14.45 -13.13 12.71
N ALA B 232 -15.27 -13.02 13.75
CA ALA B 232 -15.07 -11.99 14.77
C ALA B 232 -14.74 -12.62 16.11
N CYS B 233 -13.80 -12.03 16.83
CA CYS B 233 -13.38 -12.56 18.13
C CYS B 233 -13.54 -11.54 19.25
N VAL B 234 -14.08 -12.00 20.38
CA VAL B 234 -14.28 -11.18 21.58
C VAL B 234 -13.91 -12.01 22.82
N ASN B 235 -13.07 -11.44 23.66
CA ASN B 235 -12.77 -12.01 24.95
C ASN B 235 -12.26 -13.44 24.96
N GLY B 236 -11.58 -13.82 23.89
CA GLY B 236 -11.02 -15.17 23.72
C GLY B 236 -11.99 -16.15 23.08
N SER B 237 -13.10 -15.64 22.56
CA SER B 237 -14.06 -16.44 21.81
C SER B 237 -14.22 -15.84 20.42
N CYS B 238 -14.21 -16.71 19.41
CA CYS B 238 -14.45 -16.29 18.03
C CYS B 238 -15.82 -16.77 17.55
N PHE B 239 -16.40 -16.04 16.61
CA PHE B 239 -17.78 -16.30 16.21
C PHE B 239 -17.93 -16.31 14.68
N THR B 240 -18.77 -17.20 14.19
CA THR B 240 -19.04 -17.30 12.76
C THR B 240 -20.49 -17.68 12.48
N VAL B 241 -20.88 -17.57 11.21
CA VAL B 241 -22.20 -17.94 10.75
C VAL B 241 -22.07 -18.91 9.58
N MET B 242 -22.85 -19.98 9.61
CA MET B 242 -22.84 -20.98 8.54
C MET B 242 -24.24 -21.23 8.00
N THR B 243 -24.32 -21.50 6.69
CA THR B 243 -25.59 -21.74 6.01
C THR B 243 -25.61 -23.11 5.36
N ASP B 244 -26.72 -23.82 5.54
CA ASP B 244 -26.95 -25.11 4.93
C ASP B 244 -28.34 -25.09 4.32
N GLY B 245 -28.41 -25.31 3.01
CA GLY B 245 -29.67 -25.26 2.27
C GLY B 245 -29.52 -24.58 0.92
N PRO B 246 -30.65 -24.38 0.21
CA PRO B 246 -30.60 -23.79 -1.13
C PRO B 246 -30.28 -22.30 -1.17
N SER B 247 -29.81 -21.83 -2.32
CA SER B 247 -29.59 -20.42 -2.60
C SER B 247 -30.82 -19.87 -3.32
N ASP B 248 -31.87 -20.69 -3.31
CA ASP B 248 -33.01 -20.53 -4.19
C ASP B 248 -34.27 -20.18 -3.41
N GLY B 249 -34.23 -20.50 -2.11
CA GLY B 249 -35.36 -20.27 -1.21
C GLY B 249 -34.91 -20.37 0.23
N GLN B 250 -35.82 -20.74 1.12
CA GLN B 250 -35.53 -20.86 2.54
C GLN B 250 -34.42 -21.87 2.83
N ALA B 251 -33.48 -21.48 3.69
CA ALA B 251 -32.39 -22.35 4.10
C ALA B 251 -32.26 -22.34 5.61
N SER B 252 -31.23 -23.01 6.13
CA SER B 252 -30.97 -23.03 7.57
C SER B 252 -29.69 -22.26 7.89
N TYR B 253 -29.73 -21.49 8.98
CA TYR B 253 -28.61 -20.62 9.35
C TYR B 253 -28.26 -20.82 10.81
N LYS B 254 -26.98 -21.02 11.09
CA LYS B 254 -26.51 -21.22 12.46
C LYS B 254 -25.37 -20.28 12.84
N ILE B 255 -25.45 -19.76 14.07
CA ILE B 255 -24.39 -18.96 14.67
C ILE B 255 -23.56 -19.88 15.55
N PHE B 256 -22.24 -19.69 15.55
CA PHE B 256 -21.33 -20.55 16.30
C PHE B 256 -20.43 -19.75 17.23
N ARG B 257 -20.10 -20.34 18.38
CA ARG B 257 -19.12 -19.77 19.30
C ARG B 257 -17.95 -20.75 19.44
N ILE B 258 -16.74 -20.24 19.22
CA ILE B 258 -15.56 -21.08 19.13
C ILE B 258 -14.47 -20.59 20.09
N GLU B 259 -13.91 -21.51 20.86
CA GLU B 259 -12.80 -21.20 21.76
C GLU B 259 -11.68 -22.22 21.55
N LYS B 260 -10.48 -21.72 21.28
CA LYS B 260 -9.30 -22.54 20.98
C LYS B 260 -9.59 -23.55 19.86
N GLY B 261 -10.38 -23.13 18.88
CA GLY B 261 -10.74 -23.98 17.75
C GLY B 261 -11.84 -25.00 18.02
N LYS B 262 -12.34 -25.04 19.26
CA LYS B 262 -13.42 -25.96 19.64
C LYS B 262 -14.77 -25.25 19.69
N ILE B 263 -15.80 -25.88 19.12
CA ILE B 263 -17.17 -25.37 19.18
C ILE B 263 -17.72 -25.57 20.59
N VAL B 264 -17.98 -24.48 21.30
CA VAL B 264 -18.52 -24.56 22.65
C VAL B 264 -20.04 -24.37 22.70
N LYS B 265 -20.57 -23.62 21.75
CA LYS B 265 -22.01 -23.37 21.67
C LYS B 265 -22.43 -22.98 20.25
N SER B 266 -23.58 -23.47 19.82
CA SER B 266 -24.19 -23.03 18.58
C SER B 266 -25.70 -22.90 18.74
N VAL B 267 -26.30 -22.08 17.89
CA VAL B 267 -27.75 -21.88 17.90
C VAL B 267 -28.25 -21.69 16.47
N GLU B 268 -29.38 -22.31 16.14
CA GLU B 268 -30.00 -22.09 14.84
C GLU B 268 -30.83 -20.81 14.88
N MET B 269 -30.68 -19.99 13.85
CA MET B 269 -31.45 -18.76 13.72
C MET B 269 -32.88 -19.05 13.26
N ASN B 270 -33.83 -18.53 14.03
CA ASN B 270 -35.24 -18.60 13.69
C ASN B 270 -35.60 -17.44 12.77
N ALA B 271 -35.39 -17.65 11.48
CA ALA B 271 -35.52 -16.58 10.50
C ALA B 271 -36.25 -17.02 9.24
N PRO B 272 -37.57 -17.30 9.35
CA PRO B 272 -38.34 -17.62 8.15
C PRO B 272 -38.49 -16.37 7.27
N ASN B 273 -38.46 -16.57 5.95
CA ASN B 273 -38.55 -15.47 4.97
C ASN B 273 -37.21 -14.73 4.77
N TYR B 274 -36.26 -14.95 5.69
CA TYR B 274 -34.92 -14.37 5.61
C TYR B 274 -33.98 -15.29 4.85
N HIS B 275 -32.88 -14.74 4.36
CA HIS B 275 -31.84 -15.53 3.70
C HIS B 275 -30.47 -14.97 3.94
N TYR B 276 -29.61 -15.79 4.56
CA TYR B 276 -28.25 -15.39 4.92
C TYR B 276 -27.19 -16.21 4.21
N GLU B 277 -26.25 -15.50 3.59
CA GLU B 277 -25.09 -16.11 2.94
C GLU B 277 -23.89 -15.18 3.06
N GLU B 278 -22.70 -15.77 3.15
CA GLU B 278 -21.44 -15.03 3.09
C GLU B 278 -21.42 -13.79 3.99
N CYS B 279 -21.64 -14.00 5.28
CA CYS B 279 -21.73 -12.91 6.25
C CYS B 279 -20.40 -12.20 6.53
N SER B 280 -20.43 -10.88 6.46
CA SER B 280 -19.33 -10.05 6.93
C SER B 280 -19.62 -9.66 8.37
N CYS B 281 -18.83 -10.20 9.29
CA CYS B 281 -19.05 -10.00 10.73
C CYS B 281 -17.89 -9.27 11.38
N TYR B 282 -18.21 -8.45 12.37
CA TYR B 282 -17.21 -7.66 13.11
C TYR B 282 -17.62 -7.49 14.57
N PRO B 283 -16.63 -7.33 15.47
CA PRO B 283 -16.93 -7.07 16.88
C PRO B 283 -17.22 -5.59 17.14
N ASP B 284 -18.03 -5.32 18.16
CA ASP B 284 -18.40 -3.97 18.56
C ASP B 284 -19.00 -4.03 19.98
N SER B 285 -18.29 -3.42 20.93
CA SER B 285 -18.72 -3.35 22.33
C SER B 285 -19.14 -4.71 22.90
N SER B 286 -18.28 -5.71 22.72
CA SER B 286 -18.50 -7.08 23.20
C SER B 286 -19.59 -7.85 22.43
N GLU B 287 -19.97 -7.35 21.25
CA GLU B 287 -21.02 -7.97 20.45
C GLU B 287 -20.67 -8.02 18.98
N ILE B 288 -21.26 -8.96 18.26
CA ILE B 288 -20.92 -9.17 16.85
C ILE B 288 -22.08 -8.76 15.95
N THR B 289 -21.76 -8.06 14.87
CA THR B 289 -22.75 -7.67 13.89
C THR B 289 -22.34 -8.23 12.53
N CYS B 290 -23.24 -8.97 11.91
CA CYS B 290 -23.01 -9.53 10.59
C CYS B 290 -23.93 -8.90 9.56
N VAL B 291 -23.37 -8.51 8.42
CA VAL B 291 -24.14 -8.00 7.29
C VAL B 291 -23.89 -8.96 6.13
N CYS B 292 -24.97 -9.57 5.64
CA CYS B 292 -24.86 -10.75 4.77
C CYS B 292 -25.46 -10.56 3.37
N ARG B 293 -25.65 -11.67 2.66
CA ARG B 293 -26.18 -11.66 1.30
C ARG B 293 -27.45 -12.51 1.21
N ASP B 294 -28.55 -11.85 0.79
CA ASP B 294 -29.81 -12.53 0.47
C ASP B 294 -29.81 -12.88 -1.01
N ASN B 295 -29.59 -14.17 -1.29
CA ASN B 295 -29.54 -14.67 -2.67
C ASN B 295 -30.92 -15.08 -3.17
N TRP B 296 -31.89 -15.05 -2.27
CA TRP B 296 -33.23 -15.55 -2.51
C TRP B 296 -34.14 -14.50 -3.11
N HIS B 297 -34.61 -13.57 -2.29
CA HIS B 297 -35.55 -12.54 -2.72
C HIS B 297 -35.29 -11.17 -2.14
N GLY B 298 -34.02 -10.87 -1.87
CA GLY B 298 -33.65 -9.60 -1.24
C GLY B 298 -32.52 -8.87 -1.92
N SER B 299 -32.75 -7.60 -2.22
CA SER B 299 -31.75 -6.74 -2.86
C SER B 299 -31.15 -5.74 -1.86
N ASN B 300 -31.71 -5.75 -0.64
CA ASN B 300 -31.05 -5.13 0.50
C ASN B 300 -30.41 -6.24 1.34
N ARG B 301 -29.49 -5.86 2.22
CA ARG B 301 -28.69 -6.84 2.94
C ARG B 301 -29.30 -7.22 4.29
N PRO B 302 -29.37 -8.53 4.58
CA PRO B 302 -29.83 -9.02 5.87
C PRO B 302 -28.76 -8.85 6.92
N TRP B 303 -29.17 -8.70 8.17
CA TRP B 303 -28.21 -8.66 9.27
C TRP B 303 -28.61 -9.54 10.42
N VAL B 304 -27.61 -9.95 11.19
CA VAL B 304 -27.81 -10.63 12.45
C VAL B 304 -26.79 -10.10 13.44
N SER B 305 -27.19 -9.94 14.70
CA SER B 305 -26.29 -9.47 15.74
C SER B 305 -26.58 -10.23 17.03
N PHE B 306 -25.53 -10.49 17.82
CA PHE B 306 -25.64 -11.34 18.99
C PHE B 306 -24.57 -11.06 20.03
N ASN B 307 -24.87 -11.40 21.28
CA ASN B 307 -23.89 -11.33 22.36
C ASN B 307 -23.05 -12.61 22.40
N GLN B 308 -22.25 -12.76 23.46
CA GLN B 308 -21.36 -13.91 23.63
C GLN B 308 -22.14 -15.22 23.86
N ASN B 309 -23.33 -15.12 24.44
CA ASN B 309 -24.20 -16.28 24.65
C ASN B 309 -25.03 -16.63 23.43
N LEU B 310 -24.77 -15.93 22.32
CA LEU B 310 -25.45 -16.12 21.04
C LEU B 310 -26.95 -15.77 21.08
N GLU B 311 -27.33 -14.90 22.01
CA GLU B 311 -28.67 -14.33 22.03
C GLU B 311 -28.73 -13.27 20.96
N TYR B 312 -29.52 -13.51 19.93
CA TYR B 312 -29.43 -12.73 18.68
C TYR B 312 -30.65 -11.86 18.36
N GLN B 313 -30.43 -10.91 17.45
CA GLN B 313 -31.50 -10.17 16.79
C GLN B 313 -31.28 -10.31 15.29
N ILE B 314 -32.36 -10.18 14.51
CA ILE B 314 -32.26 -10.24 13.06
C ILE B 314 -32.99 -9.08 12.40
N GLY B 315 -32.61 -8.79 11.16
CA GLY B 315 -33.30 -7.77 10.37
C GLY B 315 -32.66 -7.58 9.01
N TYR B 316 -33.12 -6.55 8.32
CA TYR B 316 -32.53 -6.11 7.05
C TYR B 316 -32.19 -4.63 7.18
N ILE B 317 -31.29 -4.17 6.32
CA ILE B 317 -30.92 -2.76 6.28
C ILE B 317 -32.03 -1.97 5.59
N CYS B 318 -32.64 -1.04 6.32
CA CYS B 318 -33.86 -0.35 5.88
C CYS B 318 -33.61 0.72 4.83
N SER B 319 -32.37 1.20 4.72
CA SER B 319 -32.01 2.27 3.80
C SER B 319 -32.47 2.03 2.38
N GLY B 320 -33.01 3.08 1.75
CA GLY B 320 -33.35 3.06 0.33
C GLY B 320 -32.12 2.96 -0.55
N ILE B 321 -30.94 3.22 0.04
CA ILE B 321 -29.66 3.02 -0.60
C ILE B 321 -29.34 1.51 -0.56
N PHE B 322 -29.73 0.80 -1.61
CA PHE B 322 -29.64 -0.66 -1.64
C PHE B 322 -28.20 -1.17 -1.77
N GLY B 323 -27.85 -2.15 -0.95
CA GLY B 323 -26.46 -2.58 -0.80
C GLY B 323 -26.01 -3.79 -1.60
N ASP B 324 -26.96 -4.53 -2.18
CA ASP B 324 -26.64 -5.75 -2.92
C ASP B 324 -26.48 -5.47 -4.42
N ASN B 325 -26.07 -6.50 -5.16
CA ASN B 325 -25.97 -6.45 -6.62
C ASN B 325 -26.26 -7.84 -7.20
N PRO B 326 -27.31 -7.96 -8.05
CA PRO B 326 -28.16 -6.91 -8.60
C PRO B 326 -29.08 -6.26 -7.57
N ARG B 327 -29.64 -5.12 -7.96
CA ARG B 327 -30.55 -4.35 -7.12
C ARG B 327 -31.39 -3.42 -8.02
N PRO B 328 -32.48 -2.84 -7.48
CA PRO B 328 -33.17 -1.82 -8.25
C PRO B 328 -32.52 -0.46 -8.03
N ASN B 329 -32.99 0.57 -8.74
CA ASN B 329 -32.57 1.94 -8.46
C ASN B 329 -33.07 2.38 -7.09
N ASP B 330 -32.41 3.37 -6.48
CA ASP B 330 -32.72 3.78 -5.12
C ASP B 330 -34.14 4.36 -4.97
N LYS B 331 -35.00 3.61 -4.28
CA LYS B 331 -36.36 4.05 -3.96
C LYS B 331 -36.51 4.10 -2.45
N THR B 332 -37.75 4.07 -1.97
CA THR B 332 -38.02 3.94 -0.54
C THR B 332 -37.68 2.51 -0.12
N GLY B 333 -36.92 2.38 0.97
CA GLY B 333 -36.42 1.08 1.41
C GLY B 333 -37.46 0.26 2.15
N SER B 334 -36.98 -0.80 2.80
CA SER B 334 -37.83 -1.71 3.57
C SER B 334 -36.98 -2.36 4.66
N CYS B 335 -37.59 -2.59 5.82
CA CYS B 335 -36.91 -3.27 6.92
C CYS B 335 -37.04 -4.79 6.83
N GLY B 336 -37.67 -5.26 5.75
CA GLY B 336 -37.66 -6.67 5.36
C GLY B 336 -36.98 -6.80 4.00
N PRO B 337 -37.06 -7.99 3.38
CA PRO B 337 -36.41 -8.20 2.08
C PRO B 337 -37.07 -7.44 0.93
N VAL B 338 -36.27 -6.69 0.17
CA VAL B 338 -36.76 -5.98 -1.01
C VAL B 338 -36.73 -6.93 -2.22
N SER B 339 -37.92 -7.35 -2.65
CA SER B 339 -38.05 -8.38 -3.69
C SER B 339 -37.58 -7.98 -5.09
N SER B 340 -37.65 -6.67 -5.39
CA SER B 340 -37.24 -6.16 -6.70
C SER B 340 -35.77 -6.50 -6.97
N ASN B 341 -35.53 -7.21 -8.07
CA ASN B 341 -34.19 -7.72 -8.42
C ASN B 341 -33.48 -8.40 -7.24
N GLY B 342 -34.26 -9.12 -6.42
CA GLY B 342 -33.76 -9.74 -5.20
C GLY B 342 -33.06 -11.07 -5.41
N ALA B 343 -33.27 -11.66 -6.59
CA ALA B 343 -32.65 -12.93 -6.94
C ALA B 343 -31.15 -12.73 -7.17
N ASN B 344 -30.36 -13.73 -6.76
CA ASN B 344 -28.91 -13.68 -6.83
C ASN B 344 -28.32 -12.56 -5.95
N GLY B 345 -27.03 -12.32 -6.07
CA GLY B 345 -26.38 -11.27 -5.27
C GLY B 345 -24.87 -11.28 -5.35
N VAL B 346 -24.23 -10.64 -4.38
CA VAL B 346 -22.77 -10.57 -4.26
C VAL B 346 -22.41 -10.37 -2.78
N LYS B 347 -21.28 -10.94 -2.37
CA LYS B 347 -20.83 -10.73 -1.00
C LYS B 347 -20.55 -9.25 -0.75
N GLY B 348 -20.98 -8.77 0.41
CA GLY B 348 -20.81 -7.38 0.78
C GLY B 348 -20.71 -7.18 2.27
N PHE B 349 -20.71 -5.92 2.68
CA PHE B 349 -20.53 -5.55 4.09
C PHE B 349 -21.20 -4.21 4.37
N SER B 350 -21.38 -3.91 5.65
CA SER B 350 -21.82 -2.58 6.11
C SER B 350 -21.51 -2.41 7.59
N PHE B 351 -21.28 -1.16 8.00
CA PHE B 351 -20.98 -0.86 9.39
C PHE B 351 -22.11 -0.06 10.03
N LYS B 352 -22.59 -0.55 11.16
CA LYS B 352 -23.67 0.10 11.90
C LYS B 352 -23.10 1.08 12.92
N TYR B 353 -23.65 2.29 12.89
CA TYR B 353 -23.41 3.30 13.92
C TYR B 353 -24.78 3.82 14.36
N GLY B 354 -25.29 3.26 15.46
CA GLY B 354 -26.62 3.60 15.97
C GLY B 354 -27.67 3.42 14.89
N ASN B 355 -28.38 4.50 14.59
CA ASN B 355 -29.39 4.53 13.51
C ASN B 355 -28.77 4.64 12.12
N GLY B 356 -27.48 4.98 12.08
CA GLY B 356 -26.76 5.18 10.83
C GLY B 356 -25.99 3.97 10.33
N VAL B 357 -25.61 4.00 9.05
CA VAL B 357 -24.91 2.89 8.42
C VAL B 357 -23.90 3.37 7.37
N TRP B 358 -22.70 2.80 7.39
CA TRP B 358 -21.75 2.93 6.31
C TRP B 358 -21.98 1.82 5.33
N ILE B 359 -22.45 2.18 4.13
CA ILE B 359 -22.76 1.19 3.09
C ILE B 359 -21.67 1.20 2.03
N GLY B 360 -21.05 0.04 1.82
CA GLY B 360 -20.17 -0.18 0.68
C GLY B 360 -20.91 -1.00 -0.34
N ARG B 361 -20.90 -0.55 -1.60
CA ARG B 361 -21.65 -1.24 -2.66
C ARG B 361 -21.04 -0.97 -4.04
N THR B 362 -21.53 -1.70 -5.04
CA THR B 362 -21.11 -1.48 -6.42
C THR B 362 -21.76 -0.21 -6.97
N LYS B 363 -21.26 0.28 -8.10
CA LYS B 363 -21.85 1.45 -8.75
C LYS B 363 -22.98 1.05 -9.69
N SER B 364 -22.76 0.00 -10.48
CA SER B 364 -23.80 -0.54 -11.37
C SER B 364 -24.84 -1.30 -10.54
N ILE B 365 -26.10 -1.27 -10.99
CA ILE B 365 -27.18 -2.00 -10.34
C ILE B 365 -27.43 -3.38 -10.94
N SER B 366 -26.83 -3.66 -12.09
CA SER B 366 -27.06 -4.92 -12.80
C SER B 366 -25.87 -5.87 -12.72
N SER B 367 -24.67 -5.35 -12.94
CA SER B 367 -23.45 -6.15 -12.88
C SER B 367 -22.48 -5.68 -11.79
N ARG B 368 -21.36 -6.38 -11.68
CA ARG B 368 -20.36 -6.10 -10.64
C ARG B 368 -19.32 -5.11 -11.15
N ASN B 369 -19.74 -3.84 -11.21
CA ASN B 369 -18.93 -2.76 -11.75
C ASN B 369 -18.91 -1.55 -10.83
N GLY B 370 -17.70 -1.02 -10.60
CA GLY B 370 -17.50 0.12 -9.72
C GLY B 370 -17.72 -0.20 -8.25
N PHE B 371 -17.29 0.72 -7.39
CA PHE B 371 -17.49 0.59 -5.95
C PHE B 371 -17.51 1.96 -5.29
N GLU B 372 -18.27 2.08 -4.20
CA GLU B 372 -18.40 3.34 -3.47
C GLU B 372 -18.78 3.12 -2.01
N MET B 373 -18.36 4.05 -1.16
CA MET B 373 -18.78 4.07 0.25
C MET B 373 -19.78 5.19 0.45
N ILE B 374 -20.87 4.88 1.15
CA ILE B 374 -21.94 5.84 1.39
C ILE B 374 -22.31 5.86 2.89
N TRP B 375 -22.33 7.06 3.46
CA TRP B 375 -22.79 7.25 4.83
C TRP B 375 -24.22 7.75 4.86
N ASP B 376 -25.09 6.90 5.39
CA ASP B 376 -26.50 7.23 5.59
C ASP B 376 -26.76 7.32 7.10
N PRO B 377 -26.92 8.54 7.62
CA PRO B 377 -27.07 8.76 9.08
C PRO B 377 -28.31 8.11 9.70
N ASN B 378 -29.30 7.78 8.87
CA ASN B 378 -30.51 7.10 9.35
C ASN B 378 -30.86 5.87 8.49
N GLY B 379 -29.85 5.25 7.89
CA GLY B 379 -30.06 4.14 6.96
C GLY B 379 -30.27 2.75 7.55
N TRP B 380 -29.77 2.53 8.76
CA TRP B 380 -29.93 1.25 9.44
C TRP B 380 -31.37 0.99 9.81
N THR B 381 -32.03 2.00 10.36
CA THR B 381 -33.39 1.89 10.88
C THR B 381 -34.43 2.66 10.07
N GLY B 382 -34.00 3.74 9.41
CA GLY B 382 -34.87 4.54 8.56
C GLY B 382 -34.95 4.04 7.13
N THR B 383 -36.03 4.41 6.45
CA THR B 383 -36.36 3.84 5.14
C THR B 383 -36.07 4.75 3.93
N ASP B 384 -35.87 6.05 4.18
CA ASP B 384 -35.62 7.02 3.11
C ASP B 384 -34.27 6.79 2.40
N ASN B 385 -34.14 7.31 1.19
CA ASN B 385 -32.90 7.12 0.43
C ASN B 385 -32.02 8.38 0.32
N ASP B 386 -31.97 9.16 1.39
CA ASP B 386 -31.05 10.30 1.47
C ASP B 386 -29.73 9.89 2.12
N PHE B 387 -28.65 10.60 1.77
CA PHE B 387 -27.32 10.36 2.35
C PHE B 387 -26.47 11.63 2.45
N SER B 388 -25.55 11.66 3.42
CA SER B 388 -24.68 12.82 3.65
C SER B 388 -23.37 12.76 2.87
N ILE B 389 -22.65 11.65 3.02
CA ILE B 389 -21.31 11.50 2.43
C ILE B 389 -21.29 10.39 1.37
N LYS B 390 -20.52 10.62 0.30
CA LYS B 390 -20.25 9.61 -0.71
C LYS B 390 -18.81 9.71 -1.18
N GLN B 391 -18.10 8.58 -1.14
CA GLN B 391 -16.69 8.52 -1.53
C GLN B 391 -16.45 7.41 -2.54
N ASP B 392 -15.92 7.78 -3.70
CA ASP B 392 -15.62 6.83 -4.77
C ASP B 392 -14.45 5.92 -4.43
N ILE B 393 -14.53 4.68 -4.90
CA ILE B 393 -13.50 3.66 -4.66
C ILE B 393 -13.04 3.05 -5.98
N VAL B 394 -14.00 2.58 -6.78
CA VAL B 394 -13.74 2.02 -8.11
C VAL B 394 -14.70 2.66 -9.10
N GLY B 395 -14.17 3.11 -10.24
CA GLY B 395 -14.96 3.81 -11.26
C GLY B 395 -16.05 2.97 -11.88
N ILE B 396 -17.13 3.64 -12.31
CA ILE B 396 -18.34 2.98 -12.85
C ILE B 396 -18.06 1.92 -13.93
N ASN B 397 -17.09 2.17 -14.80
CA ASN B 397 -16.80 1.26 -15.91
C ASN B 397 -15.72 0.23 -15.58
N GLU B 398 -15.28 0.19 -14.32
CA GLU B 398 -14.23 -0.73 -13.90
C GLU B 398 -14.80 -1.94 -13.18
N TRP B 399 -14.01 -3.02 -13.18
CA TRP B 399 -14.45 -4.29 -12.57
C TRP B 399 -14.30 -4.30 -11.09
N SER B 400 -15.37 -4.69 -10.39
CA SER B 400 -15.32 -4.92 -8.97
C SER B 400 -15.66 -6.38 -8.67
N GLY B 401 -16.45 -6.63 -7.63
CA GLY B 401 -16.83 -7.98 -7.25
C GLY B 401 -17.08 -8.11 -5.76
N TYR B 402 -16.63 -9.21 -5.17
CA TYR B 402 -16.79 -9.47 -3.74
C TYR B 402 -16.17 -8.35 -2.90
N SER B 403 -16.77 -8.10 -1.73
CA SER B 403 -16.19 -7.18 -0.77
C SER B 403 -16.57 -7.64 0.64
N GLY B 404 -15.73 -7.32 1.61
CA GLY B 404 -15.99 -7.72 2.99
C GLY B 404 -15.33 -6.79 3.99
N SER B 405 -15.71 -6.93 5.25
CA SER B 405 -15.17 -6.13 6.32
C SER B 405 -14.07 -6.86 7.07
N PHE B 406 -13.14 -6.08 7.61
CA PHE B 406 -12.22 -6.57 8.65
C PHE B 406 -11.92 -5.44 9.61
N VAL B 407 -11.58 -5.78 10.84
CA VAL B 407 -11.30 -4.76 11.84
C VAL B 407 -9.84 -4.79 12.29
N GLN B 408 -9.41 -3.71 12.92
CA GLN B 408 -8.13 -3.68 13.60
C GLN B 408 -8.40 -3.32 15.06
N HIS B 409 -8.09 -4.25 15.94
CA HIS B 409 -8.32 -4.07 17.37
C HIS B 409 -7.32 -3.10 17.97
N PRO B 410 -7.69 -2.47 19.10
CA PRO B 410 -6.76 -1.60 19.84
C PRO B 410 -5.43 -2.27 20.22
N GLU B 411 -5.44 -3.61 20.35
CA GLU B 411 -4.22 -4.36 20.65
C GLU B 411 -3.23 -4.35 19.50
N LEU B 412 -3.68 -3.90 18.33
CA LEU B 412 -2.82 -3.77 17.15
C LEU B 412 -2.48 -2.31 16.86
N THR B 413 -3.43 -1.42 17.08
CA THR B 413 -3.31 -0.02 16.67
C THR B 413 -2.88 0.91 17.80
N GLY B 414 -3.27 0.58 19.03
CA GLY B 414 -3.06 1.47 20.18
C GLY B 414 -4.17 2.52 20.30
N LEU B 415 -5.18 2.41 19.44
CA LEU B 415 -6.31 3.31 19.47
C LEU B 415 -7.25 2.94 20.63
N ASP B 416 -8.25 3.79 20.86
CA ASP B 416 -9.17 3.62 21.98
C ASP B 416 -10.42 2.85 21.54
N CYS B 417 -10.52 2.57 20.25
CA CYS B 417 -11.69 1.96 19.64
C CYS B 417 -11.28 0.85 18.67
N ILE B 418 -12.27 0.20 18.07
CA ILE B 418 -12.02 -0.83 17.06
C ILE B 418 -12.18 -0.23 15.67
N ARG B 419 -11.09 -0.13 14.92
CA ARG B 419 -11.12 0.51 13.61
C ARG B 419 -11.74 -0.36 12.53
N PRO B 420 -12.77 0.16 11.84
CA PRO B 420 -13.34 -0.55 10.69
C PRO B 420 -12.49 -0.39 9.43
N CYS B 421 -12.26 -1.50 8.74
CA CYS B 421 -11.60 -1.49 7.44
C CYS B 421 -12.38 -2.40 6.51
N PHE B 422 -12.08 -2.32 5.21
CA PHE B 422 -12.73 -3.21 4.24
C PHE B 422 -11.82 -3.54 3.06
N TRP B 423 -12.17 -4.61 2.35
CA TRP B 423 -11.46 -5.01 1.15
C TRP B 423 -12.41 -5.13 0.00
N VAL B 424 -11.91 -4.99 -1.22
CA VAL B 424 -12.69 -5.21 -2.42
C VAL B 424 -11.93 -6.17 -3.33
N GLU B 425 -12.65 -7.18 -3.83
CA GLU B 425 -12.13 -8.09 -4.83
C GLU B 425 -12.43 -7.52 -6.21
N LEU B 426 -11.42 -7.50 -7.08
CA LEU B 426 -11.59 -6.97 -8.43
C LEU B 426 -11.53 -8.09 -9.47
N ILE B 427 -12.70 -8.60 -9.83
CA ILE B 427 -12.84 -9.79 -10.68
C ILE B 427 -12.55 -9.51 -12.16
N ARG B 428 -11.60 -10.26 -12.72
CA ARG B 428 -11.28 -10.18 -14.14
C ARG B 428 -11.50 -11.52 -14.82
N GLY B 429 -12.00 -11.49 -16.05
CA GLY B 429 -12.19 -12.70 -16.85
C GLY B 429 -13.65 -13.10 -16.97
N ARG B 430 -13.89 -14.41 -16.97
CA ARG B 430 -15.26 -14.95 -17.08
C ARG B 430 -16.12 -14.55 -15.86
N PRO B 431 -17.43 -14.32 -16.07
CA PRO B 431 -18.16 -14.46 -17.35
C PRO B 431 -18.10 -13.24 -18.26
N LYS B 432 -17.73 -12.09 -17.71
CA LYS B 432 -17.80 -10.81 -18.42
C LYS B 432 -16.79 -10.62 -19.56
N GLU B 433 -15.63 -11.25 -19.45
CA GLU B 433 -14.56 -11.03 -20.43
C GLU B 433 -14.15 -12.30 -21.17
N ASN B 434 -13.70 -12.12 -22.41
CA ASN B 434 -13.37 -13.24 -23.28
C ASN B 434 -12.04 -13.91 -22.90
N THR B 435 -12.11 -14.76 -21.87
CA THR B 435 -10.96 -15.51 -21.36
C THR B 435 -11.40 -16.94 -21.06
N ILE B 436 -10.46 -17.74 -20.57
CA ILE B 436 -10.77 -19.10 -20.13
C ILE B 436 -10.78 -19.18 -18.59
N TRP B 437 -10.39 -18.09 -17.95
CA TRP B 437 -10.18 -18.06 -16.50
C TRP B 437 -10.93 -16.96 -15.80
N THR B 438 -10.84 -16.95 -14.47
CA THR B 438 -11.43 -15.91 -13.62
C THR B 438 -10.57 -15.75 -12.37
N SER B 439 -10.17 -14.52 -12.08
CA SER B 439 -9.39 -14.22 -10.88
C SER B 439 -9.71 -12.84 -10.34
N GLY B 440 -9.39 -12.63 -9.06
CA GLY B 440 -9.66 -11.37 -8.40
C GLY B 440 -8.41 -10.66 -7.91
N SER B 441 -8.41 -9.33 -8.05
CA SER B 441 -7.35 -8.49 -7.51
C SER B 441 -7.80 -7.97 -6.14
N SER B 442 -6.93 -7.23 -5.45
CA SER B 442 -7.23 -6.83 -4.08
C SER B 442 -6.88 -5.36 -3.80
N ILE B 443 -7.85 -4.65 -3.23
CA ILE B 443 -7.61 -3.31 -2.67
C ILE B 443 -8.27 -3.25 -1.29
N SER B 444 -7.59 -2.61 -0.34
CA SER B 444 -8.15 -2.45 0.99
C SER B 444 -8.10 -1.00 1.46
N PHE B 445 -9.03 -0.66 2.34
CA PHE B 445 -9.14 0.68 2.89
C PHE B 445 -9.39 0.59 4.38
N CYS B 446 -8.88 1.57 5.12
CA CYS B 446 -9.15 1.66 6.55
C CYS B 446 -9.83 2.97 6.92
N GLY B 447 -10.74 2.89 7.90
CA GLY B 447 -11.50 4.04 8.35
C GLY B 447 -10.68 4.98 9.21
N VAL B 448 -10.63 6.23 8.79
CA VAL B 448 -9.94 7.29 9.53
C VAL B 448 -10.85 8.48 9.76
N ASN B 449 -10.50 9.28 10.75
CA ASN B 449 -11.29 10.46 11.07
C ASN B 449 -10.61 11.75 10.57
N SER B 450 -9.62 11.56 9.70
CA SER B 450 -8.89 12.66 9.09
C SER B 450 -9.19 12.72 7.58
N ASP B 451 -8.50 13.61 6.87
CA ASP B 451 -8.79 13.86 5.46
C ASP B 451 -8.58 12.67 4.53
N THR B 452 -9.56 12.47 3.64
CA THR B 452 -9.53 11.39 2.64
C THR B 452 -9.95 11.93 1.28
N VAL B 453 -10.00 11.07 0.27
CA VAL B 453 -10.40 11.47 -1.08
C VAL B 453 -10.96 10.30 -1.92
N GLY B 454 -12.01 10.60 -2.67
CA GLY B 454 -12.60 9.62 -3.59
C GLY B 454 -11.81 9.55 -4.88
N TRP B 455 -11.67 8.33 -5.40
CA TRP B 455 -10.94 8.10 -6.64
C TRP B 455 -11.32 6.75 -7.19
N SER B 456 -10.60 6.30 -8.21
CA SER B 456 -10.79 4.98 -8.78
C SER B 456 -9.46 4.22 -8.72
N TRP B 457 -9.45 3.09 -8.01
CA TRP B 457 -8.27 2.23 -7.94
C TRP B 457 -8.59 0.87 -8.53
N PRO B 458 -8.59 0.76 -9.87
CA PRO B 458 -9.02 -0.48 -10.50
C PRO B 458 -7.91 -1.52 -10.65
N ASP B 459 -8.27 -2.70 -11.13
CA ASP B 459 -7.32 -3.79 -11.37
C ASP B 459 -6.17 -3.37 -12.28
N GLY B 460 -6.46 -3.18 -13.57
CA GLY B 460 -5.51 -2.61 -14.52
C GLY B 460 -4.83 -3.54 -15.50
N ALA B 461 -5.20 -4.82 -15.48
CA ALA B 461 -4.59 -5.79 -16.39
C ALA B 461 -5.21 -5.71 -17.78
N GLU B 462 -4.37 -5.90 -18.80
CA GLU B 462 -4.80 -5.90 -20.19
C GLU B 462 -5.21 -7.31 -20.59
N LEU B 463 -6.52 -7.54 -20.71
CA LEU B 463 -7.03 -8.84 -21.14
C LEU B 463 -7.37 -8.80 -22.63
N PRO B 464 -7.31 -9.96 -23.32
CA PRO B 464 -6.98 -11.30 -22.80
C PRO B 464 -5.47 -11.54 -22.57
N PHE B 465 -5.14 -12.72 -22.04
CA PHE B 465 -3.76 -13.12 -21.77
C PHE B 465 -3.27 -14.11 -22.81
N THR B 466 -1.97 -14.40 -22.79
CA THR B 466 -1.34 -15.37 -23.71
C THR B 466 -2.10 -16.70 -23.78
N ILE B 467 -2.56 -17.20 -22.63
CA ILE B 467 -3.26 -18.48 -22.53
C ILE B 467 -4.67 -18.46 -23.15
N ASP B 468 -5.19 -17.27 -23.43
CA ASP B 468 -6.56 -17.12 -23.93
C ASP B 468 -6.64 -17.07 -25.46
#